data_7M22
#
_entry.id   7M22
#
_cell.length_a   1.00
_cell.length_b   1.00
_cell.length_c   1.00
_cell.angle_alpha   90.00
_cell.angle_beta   90.00
_cell.angle_gamma   90.00
#
_symmetry.space_group_name_H-M   'P 1'
#
loop_
_entity.id
_entity.type
_entity.pdbx_description
1 polymer 'Envelope protein UL128'
2 polymer 'Envelope glycoprotein UL130'
3 polymer UL131A
4 polymer Neuropilin-2
5 non-polymer 2-acetamido-2-deoxy-beta-D-glucopyranose
6 non-polymer 'CALCIUM ION'
#
loop_
_entity_poly.entity_id
_entity_poly.type
_entity_poly.pdbx_seq_one_letter_code
_entity_poly.pdbx_strand_id
1 'polypeptide(L)'
;EECCEFINVNHPPERCYDFKMCNRFTVALRCPDGEVCYSPEKTAEIRGIVTTMTHSLTRQVVHNKLTSCNYNPLYLEADG
RIRCGKVNDKAQYLLGAAGSVPYRWINLEYDKITRIVGLDQYLESVKKHKRLDVCRAKMGYMLQ
;
C
2 'polypeptide(L)'
;SPWSTLTANQNPSPPWSKLTYSKPHDAATFYCPFLYPSPPRSPLQFSGFQQVSTGPECRNETLYLLYNREGQTLVERSST
WVKKVIWYLSGRNQTILQRMPQTASKPSDGNVQISVEDAKIFGAHMVPKQTKLLRFVVNDGTRYQMCVMKLESWAHVFRD
YSVSFQVRLTFTEANNQTYTFCTHPNLIV
;
D
3 'polypeptide(L)'
;QCQRETAEKNDYYRVPHYWDACSRALPDQTRYKYVEQLVDLTLNYHYDASHGLDNFDVLKRINVTEVSLLISDFRRQNRR
GGTNKRTTFNAAGSLAPHARSLEFSVRLFAN
;
E
4 'polypeptide(L)'
;QPDPPCGGRLNSKDAGYITSPGYPQDYPSHQNCEWIVYAPEPNQKIVLNFNPHFEIEKHDCKYDFIEIRDGDSESADLLG
KHCGNIAPPTIISSGSMLYIKFTSDYARQGAGFSLRYEIFKTGSEDCSKNFTSPNGTIESPGFPEKYPHNLDCTFTILAK
PKMEIILQFLIFDLEHDPLQVGEGDCKYDWLDIWDGIPHVGPLIGKYCGTKTPSELRSSTGILSLTFHTDMAVAKDGFSA
RYYLVHQEPLENFQCNVPLGMESGRIANEQISASSTYSDGRWTPQQSRLHGDDNGWTPNLDSNKEYLQVDLRFLTMLTAI
ATQGAISRETQNGYYVKSYKLEVSTNGEDWMVYRHGKNHKVFQANNDATEVVLNKLHAPLLTRFVRIRPQTWHSGIALRL
ELFGCRVTDAPCSNMLGMLSGLIADSQISASSTQEYLWSPSAARLVSSRSGWFPRIPQAQPGEEWLQVDLGTPKTVKGVI
IQGARGGDSITAVEARAFVRKFKVSYSLNGKDWEYIQDPRTQQPKLFEGNMHYDTPDIRRFDPIPAQYVRVYPERWSPAG
IGMRLEVLGCDWTGSLEVLFQ
;
N
#
loop_
_chem_comp.id
_chem_comp.type
_chem_comp.name
_chem_comp.formula
CA non-polymer 'CALCIUM ION' 'Ca 2'
NAG D-saccharide, beta linking 2-acetamido-2-deoxy-beta-D-glucopyranose 'C8 H15 N O6'
#
# COMPACT_ATOMS: atom_id res chain seq x y z
N GLU A 2 -23.64 27.88 -2.12
CA GLU A 2 -22.95 27.73 -0.85
C GLU A 2 -23.63 26.68 0.03
N CYS A 3 -22.90 26.23 1.05
CA CYS A 3 -23.34 25.10 1.87
C CYS A 3 -24.60 25.35 2.68
N CYS A 4 -24.83 26.56 3.17
CA CYS A 4 -26.16 26.91 3.64
C CYS A 4 -26.53 28.34 3.26
N GLU A 5 -27.84 28.54 3.07
CA GLU A 5 -28.44 29.85 2.86
C GLU A 5 -29.69 29.97 3.71
N PHE A 6 -29.81 29.12 4.73
CA PHE A 6 -31.07 28.76 5.35
C PHE A 6 -30.78 28.02 6.63
N ILE A 7 -31.81 27.86 7.46
CA ILE A 7 -31.79 26.89 8.55
C ILE A 7 -33.14 26.19 8.59
N ASN A 8 -33.11 24.87 8.71
CA ASN A 8 -34.24 24.02 8.37
C ASN A 8 -34.76 23.27 9.59
N VAL A 9 -34.49 23.75 10.80
CA VAL A 9 -34.47 22.91 11.98
C VAL A 9 -34.78 23.75 13.22
N ASN A 10 -35.30 23.08 14.24
CA ASN A 10 -35.44 23.66 15.58
C ASN A 10 -34.86 22.79 16.69
N HIS A 11 -34.68 21.49 16.47
CA HIS A 11 -33.93 20.64 17.37
C HIS A 11 -33.24 19.57 16.54
N PRO A 12 -32.17 18.95 17.06
CA PRO A 12 -31.40 17.99 16.27
C PRO A 12 -32.26 16.83 15.79
N PRO A 13 -32.31 16.61 14.48
CA PRO A 13 -33.13 15.53 13.94
C PRO A 13 -32.55 14.17 14.29
N GLU A 14 -33.44 13.20 14.48
CA GLU A 14 -33.07 11.89 14.97
C GLU A 14 -32.58 10.95 13.87
N ARG A 15 -31.73 10.02 14.27
CA ARG A 15 -31.28 8.87 13.48
C ARG A 15 -30.63 9.29 12.16
N CYS A 16 -29.91 10.40 12.16
CA CYS A 16 -29.23 10.85 10.95
C CYS A 16 -28.01 9.99 10.68
N TYR A 17 -27.38 10.21 9.52
CA TYR A 17 -26.33 9.28 9.09
C TYR A 17 -25.16 9.91 8.34
N ASP A 18 -25.12 11.24 8.15
CA ASP A 18 -23.84 11.82 7.74
C ASP A 18 -23.78 13.29 8.13
N PHE A 19 -22.55 13.82 8.20
CA PHE A 19 -22.37 15.22 8.58
C PHE A 19 -21.22 15.85 7.79
N LYS A 20 -21.37 17.15 7.52
CA LYS A 20 -20.28 18.00 7.09
C LYS A 20 -20.53 19.39 7.64
N MET A 21 -19.50 19.99 8.25
CA MET A 21 -19.60 21.39 8.64
C MET A 21 -19.12 22.29 7.50
N CYS A 22 -19.82 23.40 7.31
CA CYS A 22 -19.73 24.18 6.09
C CYS A 22 -19.20 25.58 6.32
N ASN A 23 -19.89 26.41 7.09
CA ASN A 23 -19.17 27.48 7.76
C ASN A 23 -18.46 26.90 8.98
N ARG A 24 -17.73 27.75 9.71
CA ARG A 24 -17.39 27.37 11.08
C ARG A 24 -18.62 27.35 11.98
N PHE A 25 -19.55 28.27 11.77
CA PHE A 25 -20.72 28.43 12.64
C PHE A 25 -21.86 27.46 12.37
N THR A 26 -21.72 26.53 11.42
CA THR A 26 -22.86 25.75 10.95
C THR A 26 -22.43 24.34 10.61
N VAL A 27 -23.36 23.39 10.77
CA VAL A 27 -23.12 22.00 10.40
C VAL A 27 -24.36 21.48 9.70
N ALA A 28 -24.18 20.64 8.67
CA ALA A 28 -25.31 20.07 7.95
C ALA A 28 -25.18 18.57 7.84
N LEU A 29 -26.32 17.91 7.71
CA LEU A 29 -26.48 16.49 7.97
C LEU A 29 -27.24 15.84 6.83
N ARG A 30 -26.77 14.67 6.42
CA ARG A 30 -27.62 13.70 5.76
C ARG A 30 -28.43 12.97 6.82
N CYS A 31 -29.75 12.95 6.62
CA CYS A 31 -30.72 12.35 7.51
C CYS A 31 -31.77 11.62 6.67
N PRO A 32 -32.60 10.76 7.26
CA PRO A 32 -33.56 10.01 6.43
C PRO A 32 -34.47 10.90 5.62
N ASP A 33 -34.87 12.05 6.16
CA ASP A 33 -35.80 12.93 5.49
C ASP A 33 -35.13 13.81 4.44
N GLY A 34 -33.83 13.64 4.24
CA GLY A 34 -33.01 14.60 3.52
C GLY A 34 -32.18 15.47 4.43
N GLU A 35 -31.33 16.29 3.79
CA GLU A 35 -30.36 17.09 4.51
C GLU A 35 -31.04 18.11 5.42
N VAL A 36 -30.33 18.46 6.50
CA VAL A 36 -30.70 19.56 7.37
C VAL A 36 -29.46 20.41 7.61
N CYS A 37 -29.61 21.72 7.57
CA CYS A 37 -28.59 22.61 8.12
C CYS A 37 -28.97 23.06 9.52
N TYR A 38 -27.97 23.10 10.40
CA TYR A 38 -28.18 23.29 11.83
C TYR A 38 -27.13 24.25 12.35
N SER A 39 -27.47 24.96 13.43
CA SER A 39 -26.50 25.66 14.22
C SER A 39 -26.96 25.70 15.68
N PRO A 40 -26.07 25.37 16.61
CA PRO A 40 -26.27 25.77 18.01
C PRO A 40 -25.62 27.11 18.31
N GLU A 41 -26.35 27.95 19.06
CA GLU A 41 -25.75 29.18 19.53
C GLU A 41 -24.58 28.89 20.48
N LYS A 42 -24.63 27.79 21.21
CA LYS A 42 -23.53 27.34 22.04
C LYS A 42 -22.48 26.70 21.13
N THR A 43 -21.45 27.45 20.76
CA THR A 43 -20.59 27.08 19.64
C THR A 43 -19.78 25.81 19.88
N ALA A 44 -19.75 25.31 21.12
CA ALA A 44 -19.12 24.01 21.39
C ALA A 44 -20.01 22.83 21.04
N GLU A 45 -21.32 23.05 20.94
CA GLU A 45 -22.27 21.94 20.89
C GLU A 45 -22.17 21.09 19.63
N ILE A 46 -21.55 21.58 18.58
CA ILE A 46 -21.33 20.77 17.38
C ILE A 46 -20.69 19.43 17.73
N ARG A 47 -19.74 19.44 18.67
CA ARG A 47 -19.07 18.21 19.07
C ARG A 47 -20.03 17.25 19.75
N GLY A 48 -20.84 17.74 20.70
CA GLY A 48 -21.83 16.89 21.33
C GLY A 48 -22.82 16.31 20.34
N ILE A 49 -23.35 17.16 19.46
CA ILE A 49 -24.32 16.74 18.45
C ILE A 49 -23.74 15.60 17.59
N VAL A 50 -22.59 15.86 16.98
CA VAL A 50 -22.05 14.83 16.10
C VAL A 50 -21.65 13.59 16.89
N THR A 51 -21.14 13.76 18.12
CA THR A 51 -20.80 12.57 18.92
C THR A 51 -22.04 11.74 19.18
N THR A 52 -23.17 12.40 19.45
CA THR A 52 -24.43 11.69 19.67
C THR A 52 -24.92 11.01 18.40
N MET A 53 -24.42 11.43 17.25
CA MET A 53 -24.77 10.78 15.99
C MET A 53 -23.72 9.77 15.52
N THR A 54 -22.56 9.72 16.17
CA THR A 54 -21.41 8.94 15.66
C THR A 54 -21.64 7.45 15.52
N HIS A 55 -22.63 6.88 16.19
CA HIS A 55 -22.91 5.45 15.98
C HIS A 55 -23.20 5.08 14.53
N SER A 56 -23.84 5.95 13.75
CA SER A 56 -24.25 5.56 12.40
C SER A 56 -23.13 5.47 11.37
N LEU A 57 -22.02 6.18 11.55
CA LEU A 57 -21.13 6.48 10.42
C LEU A 57 -20.28 5.27 10.03
N THR A 58 -20.69 4.59 8.96
CA THR A 58 -19.95 3.47 8.42
C THR A 58 -18.49 3.83 8.18
N ARG A 59 -17.63 2.81 8.30
CA ARG A 59 -16.18 3.01 8.28
C ARG A 59 -15.68 3.70 7.02
N GLN A 60 -16.36 3.51 5.88
CA GLN A 60 -15.90 4.18 4.67
C GLN A 60 -16.23 5.66 4.68
N VAL A 61 -17.36 6.05 5.29
CA VAL A 61 -17.71 7.46 5.30
C VAL A 61 -16.69 8.21 6.15
N VAL A 62 -16.30 7.61 7.28
CA VAL A 62 -15.29 8.22 8.12
C VAL A 62 -13.94 8.21 7.44
N HIS A 63 -13.68 7.24 6.56
CA HIS A 63 -12.41 7.23 5.86
C HIS A 63 -12.33 8.21 4.71
N ASN A 64 -13.46 8.65 4.15
CA ASN A 64 -13.40 9.69 3.14
C ASN A 64 -12.85 11.00 3.68
N LYS A 65 -13.12 11.30 4.94
CA LYS A 65 -12.54 12.48 5.57
C LYS A 65 -11.12 12.21 6.01
N LEU A 66 -10.29 13.25 5.95
CA LEU A 66 -8.88 13.18 6.36
C LEU A 66 -8.20 11.94 5.84
N THR A 67 -8.43 11.59 4.57
CA THR A 67 -8.25 10.23 4.10
C THR A 67 -6.81 9.75 4.16
N SER A 68 -5.85 10.66 4.35
CA SER A 68 -4.47 10.26 4.63
C SER A 68 -4.34 9.46 5.91
N CYS A 69 -5.36 9.43 6.77
CA CYS A 69 -5.28 8.73 8.04
C CYS A 69 -5.47 7.22 7.92
N ASN A 70 -5.47 6.72 6.69
CA ASN A 70 -5.38 5.29 6.38
C ASN A 70 -6.29 4.42 7.25
N TYR A 71 -7.56 4.83 7.37
CA TYR A 71 -8.59 4.12 8.12
C TYR A 71 -8.38 4.12 9.64
N ASN A 72 -7.30 4.70 10.14
CA ASN A 72 -7.13 4.75 11.59
C ASN A 72 -8.12 5.74 12.21
N PRO A 73 -8.42 5.57 13.50
CA PRO A 73 -9.46 6.39 14.13
C PRO A 73 -9.11 7.87 14.13
N LEU A 74 -10.15 8.69 14.10
CA LEU A 74 -9.99 10.14 14.06
C LEU A 74 -10.83 10.83 15.12
N TYR A 75 -10.45 12.07 15.40
CA TYR A 75 -10.73 12.82 16.63
C TYR A 75 -11.35 14.14 16.23
N LEU A 76 -12.16 14.70 17.13
CA LEU A 76 -12.79 16.00 16.95
C LEU A 76 -12.26 17.01 17.97
N GLU A 77 -11.60 18.04 17.47
CA GLU A 77 -11.40 19.25 18.26
C GLU A 77 -12.73 19.97 18.47
N ALA A 78 -12.82 20.72 19.56
CA ALA A 78 -14.07 21.39 19.88
C ALA A 78 -14.47 22.38 18.79
N ASP A 79 -13.49 22.96 18.10
CA ASP A 79 -13.78 23.86 16.99
C ASP A 79 -14.18 23.13 15.71
N GLY A 80 -14.33 21.81 15.75
CA GLY A 80 -14.92 21.05 14.69
C GLY A 80 -13.95 20.38 13.75
N ARG A 81 -12.70 20.84 13.70
CA ARG A 81 -11.74 20.24 12.77
C ARG A 81 -11.37 18.83 13.21
N ILE A 82 -11.32 17.93 12.25
CA ILE A 82 -10.93 16.55 12.48
C ILE A 82 -9.41 16.45 12.46
N ARG A 83 -8.87 15.58 13.32
CA ARG A 83 -7.48 15.17 13.19
C ARG A 83 -7.40 13.67 13.41
N CYS A 84 -6.28 13.07 13.06
CA CYS A 84 -6.07 11.69 13.46
C CYS A 84 -6.02 11.57 14.98
N GLY A 85 -6.83 10.68 15.53
CA GLY A 85 -6.75 10.39 16.95
C GLY A 85 -5.48 9.66 17.33
N LYS A 86 -5.02 9.91 18.54
CA LYS A 86 -3.92 9.16 19.15
C LYS A 86 -4.45 8.07 20.08
N VAL A 87 -3.62 7.04 20.27
CA VAL A 87 -3.97 5.91 21.13
C VAL A 87 -4.21 6.30 22.57
N ASN A 88 -3.69 7.45 23.02
CA ASN A 88 -3.96 7.93 24.38
C ASN A 88 -5.29 8.65 24.50
N ASP A 89 -5.84 9.16 23.41
CA ASP A 89 -6.96 10.08 23.49
C ASP A 89 -8.19 9.45 24.14
N LYS A 90 -8.94 10.30 24.85
CA LYS A 90 -10.16 9.88 25.53
C LYS A 90 -11.11 9.20 24.55
N ALA A 91 -11.60 8.02 24.94
CA ALA A 91 -12.37 7.17 24.04
C ALA A 91 -13.66 7.79 23.55
N GLN A 92 -14.22 8.77 24.28
CA GLN A 92 -15.45 9.40 23.82
C GLN A 92 -15.25 10.14 22.51
N TYR A 93 -14.18 10.92 22.41
CA TYR A 93 -13.95 11.82 21.28
C TYR A 93 -13.21 11.13 20.15
N LEU A 94 -13.68 9.95 19.77
CA LEU A 94 -13.14 9.26 18.61
C LEU A 94 -14.28 8.79 17.72
N LEU A 95 -14.05 8.84 16.42
CA LEU A 95 -14.87 8.16 15.44
C LEU A 95 -14.05 7.03 14.83
N GLY A 96 -14.71 5.90 14.59
CA GLY A 96 -14.05 4.77 13.98
C GLY A 96 -13.35 3.83 14.94
N ALA A 97 -13.40 4.10 16.23
CA ALA A 97 -12.96 3.14 17.24
C ALA A 97 -14.14 2.30 17.71
N ALA A 98 -13.84 1.19 18.37
CA ALA A 98 -14.88 0.29 18.84
C ALA A 98 -14.56 -0.21 20.24
N GLY A 99 -15.60 -0.39 21.04
CA GLY A 99 -15.47 -1.01 22.35
C GLY A 99 -15.57 -2.52 22.29
N SER A 100 -16.38 -3.04 21.38
CA SER A 100 -16.36 -4.45 21.04
C SER A 100 -16.93 -4.60 19.64
N VAL A 101 -16.62 -5.73 19.00
CA VAL A 101 -17.20 -6.06 17.70
C VAL A 101 -18.52 -6.77 17.93
N PRO A 102 -19.65 -6.17 17.57
CA PRO A 102 -20.95 -6.84 17.73
C PRO A 102 -21.11 -7.94 16.70
N TYR A 103 -21.37 -9.16 17.15
CA TYR A 103 -21.22 -10.30 16.27
C TYR A 103 -22.28 -11.35 16.58
N ARG A 104 -22.65 -12.09 15.53
CA ARG A 104 -23.69 -13.10 15.60
C ARG A 104 -23.34 -14.17 14.58
N TRP A 105 -23.13 -15.39 15.05
CA TRP A 105 -22.85 -16.50 14.14
C TRP A 105 -24.11 -16.87 13.36
N ILE A 106 -23.92 -17.23 12.10
CA ILE A 106 -25.01 -17.62 11.22
C ILE A 106 -24.72 -19.01 10.67
N ASN A 107 -25.77 -19.81 10.55
CA ASN A 107 -25.62 -21.24 10.26
C ASN A 107 -25.28 -21.46 8.79
N LEU A 108 -24.69 -22.62 8.53
CA LEU A 108 -24.34 -23.01 7.17
C LEU A 108 -24.83 -24.42 6.88
N SER B 79 -26.42 -53.76 18.54
CA SER B 79 -26.53 -52.63 17.60
C SER B 79 -25.15 -52.07 17.27
N THR B 80 -24.94 -51.73 16.00
CA THR B 80 -23.67 -51.15 15.58
C THR B 80 -23.55 -49.69 16.03
N TRP B 81 -24.58 -48.88 15.80
CA TRP B 81 -24.49 -47.47 16.16
C TRP B 81 -24.36 -47.28 17.66
N VAL B 82 -25.03 -48.11 18.45
CA VAL B 82 -24.83 -48.09 19.90
C VAL B 82 -23.35 -48.30 20.23
N LYS B 83 -22.73 -49.29 19.59
CA LYS B 83 -21.32 -49.57 19.85
C LYS B 83 -20.41 -48.42 19.42
N LYS B 84 -20.77 -47.75 18.33
CA LYS B 84 -20.02 -46.57 17.92
C LYS B 84 -20.17 -45.40 18.89
N VAL B 85 -21.35 -45.23 19.47
CA VAL B 85 -21.51 -44.21 20.50
C VAL B 85 -20.70 -44.55 21.74
N ILE B 86 -20.72 -45.82 22.14
CA ILE B 86 -19.88 -46.26 23.26
C ILE B 86 -18.42 -45.96 22.97
N TRP B 87 -17.95 -46.31 21.77
CA TRP B 87 -16.59 -45.98 21.38
C TRP B 87 -16.30 -44.49 21.51
N TYR B 88 -17.14 -43.66 20.89
CA TYR B 88 -16.93 -42.21 20.93
C TYR B 88 -16.87 -41.67 22.35
N LEU B 89 -17.80 -42.09 23.20
CA LEU B 89 -17.83 -41.60 24.57
C LEU B 89 -16.76 -42.21 25.46
N SER B 90 -16.14 -43.32 25.06
CA SER B 90 -15.08 -43.92 25.86
C SER B 90 -13.85 -43.01 25.94
N GLY B 91 -13.48 -42.38 24.83
CA GLY B 91 -12.31 -41.51 24.83
C GLY B 91 -12.53 -40.13 25.41
N ARG B 92 -13.78 -39.68 25.46
CA ARG B 92 -14.10 -38.29 25.74
C ARG B 92 -13.33 -37.75 26.94
N ASN B 93 -13.44 -38.42 28.08
CA ASN B 93 -12.98 -37.89 29.36
C ASN B 93 -11.46 -38.00 29.52
N GLN B 94 -10.73 -38.32 28.46
CA GLN B 94 -9.31 -38.64 28.55
C GLN B 94 -8.53 -37.56 29.29
N THR B 95 -7.56 -38.02 30.09
CA THR B 95 -6.77 -37.13 30.94
C THR B 95 -6.04 -36.04 30.15
N ILE B 96 -5.49 -36.37 28.97
CA ILE B 96 -4.86 -35.34 28.14
C ILE B 96 -5.83 -34.22 27.78
N LEU B 97 -7.06 -34.55 27.42
CA LEU B 97 -7.99 -33.49 27.03
C LEU B 97 -8.39 -32.59 28.19
N GLN B 98 -8.13 -33.00 29.44
CA GLN B 98 -8.21 -32.06 30.55
C GLN B 98 -6.91 -31.29 30.74
N ARG B 99 -5.77 -31.99 30.75
CA ARG B 99 -4.52 -31.34 31.13
C ARG B 99 -4.03 -30.33 30.10
N MET B 100 -4.32 -30.54 28.82
CA MET B 100 -3.85 -29.62 27.78
C MET B 100 -4.22 -28.16 28.06
N PRO B 101 -5.51 -27.80 28.16
CA PRO B 101 -5.82 -26.36 28.30
C PRO B 101 -5.22 -25.70 29.53
N GLN B 102 -5.01 -26.45 30.62
CA GLN B 102 -4.27 -25.90 31.75
C GLN B 102 -2.82 -25.60 31.37
N THR B 103 -2.08 -26.60 30.87
CA THR B 103 -0.68 -26.39 30.57
C THR B 103 -0.46 -25.44 29.40
N ALA B 104 -1.48 -25.20 28.59
CA ALA B 104 -1.45 -24.13 27.61
C ALA B 104 -1.65 -22.74 28.21
N SER B 105 -2.10 -22.64 29.46
CA SER B 105 -2.36 -21.34 30.07
C SER B 105 -1.39 -20.92 31.16
N LYS B 106 -0.67 -21.84 31.79
CA LYS B 106 0.22 -21.47 32.87
C LYS B 106 1.46 -20.74 32.34
N PRO B 107 2.12 -19.96 33.20
CA PRO B 107 3.31 -19.21 32.73
C PRO B 107 4.45 -20.08 32.27
N SER B 108 4.78 -21.15 33.01
CA SER B 108 5.85 -22.02 32.56
C SER B 108 5.36 -23.46 32.42
N ASP B 109 5.48 -24.26 33.47
CA ASP B 109 4.96 -25.63 33.48
C ASP B 109 5.44 -26.42 32.27
N GLY B 110 6.73 -26.27 31.94
CA GLY B 110 7.28 -26.97 30.79
C GLY B 110 7.59 -28.44 30.95
N ASN B 111 8.05 -28.86 32.14
CA ASN B 111 8.37 -30.26 32.39
C ASN B 111 7.11 -31.03 32.77
N VAL B 112 6.06 -30.91 31.96
CA VAL B 112 4.84 -31.70 32.15
C VAL B 112 5.09 -33.15 31.74
N GLN B 113 4.81 -34.07 32.65
CA GLN B 113 4.80 -35.49 32.35
C GLN B 113 3.44 -35.92 31.82
N ILE B 114 3.45 -36.79 30.81
CA ILE B 114 2.28 -37.51 30.35
C ILE B 114 2.64 -38.98 30.18
N SER B 115 1.79 -39.87 30.69
CA SER B 115 2.07 -41.30 30.70
C SER B 115 1.89 -41.91 29.33
N VAL B 116 2.71 -42.91 29.03
CA VAL B 116 2.77 -43.47 27.68
C VAL B 116 1.43 -44.05 27.25
N GLU B 117 0.71 -44.69 28.16
CA GLU B 117 -0.58 -45.27 27.80
C GLU B 117 -1.61 -44.20 27.46
N ASP B 118 -1.54 -43.06 28.14
CA ASP B 118 -2.39 -41.94 27.77
C ASP B 118 -2.02 -41.41 26.39
N ALA B 119 -0.74 -41.31 26.08
CA ALA B 119 -0.34 -40.90 24.74
C ALA B 119 -0.80 -41.90 23.69
N LYS B 120 -0.77 -43.18 24.01
CA LYS B 120 -1.25 -44.20 23.08
C LYS B 120 -2.72 -44.02 22.79
N ILE B 121 -3.53 -43.83 23.83
CA ILE B 121 -4.96 -43.67 23.59
C ILE B 121 -5.31 -42.31 23.00
N PHE B 122 -4.46 -41.30 23.17
CA PHE B 122 -4.60 -40.08 22.38
C PHE B 122 -4.36 -40.32 20.90
N GLY B 123 -3.30 -41.09 20.58
CA GLY B 123 -3.05 -41.46 19.19
C GLY B 123 -4.19 -42.18 18.51
N ALA B 124 -5.09 -42.78 19.28
CA ALA B 124 -6.19 -43.55 18.70
C ALA B 124 -7.37 -42.70 18.24
N HIS B 125 -7.47 -41.46 18.68
CA HIS B 125 -8.73 -40.72 18.55
C HIS B 125 -8.70 -39.53 17.61
N MET B 126 -7.54 -39.04 17.19
CA MET B 126 -7.47 -37.78 16.46
C MET B 126 -7.11 -38.02 14.99
N VAL B 127 -7.93 -37.46 14.11
CA VAL B 127 -7.60 -37.37 12.67
C VAL B 127 -6.52 -36.31 12.47
N PRO B 128 -5.51 -36.57 11.64
CA PRO B 128 -4.42 -35.59 11.48
C PRO B 128 -4.81 -34.29 10.81
N LYS B 129 -6.04 -34.12 10.34
CA LYS B 129 -6.42 -32.86 9.72
C LYS B 129 -7.89 -32.55 9.98
N GLN B 130 -8.21 -31.28 10.19
CA GLN B 130 -9.58 -30.81 10.11
C GLN B 130 -9.57 -29.36 9.61
N THR B 131 -10.64 -28.97 8.93
CA THR B 131 -10.82 -27.58 8.52
C THR B 131 -12.31 -27.28 8.44
N LYS B 132 -12.68 -26.06 8.84
CA LYS B 132 -14.06 -25.61 8.81
C LYS B 132 -14.11 -24.13 8.43
N LEU B 133 -15.16 -23.77 7.70
CA LEU B 133 -15.56 -22.39 7.50
C LEU B 133 -16.83 -22.12 8.30
N LEU B 134 -16.89 -20.97 8.95
CA LEU B 134 -18.16 -20.50 9.47
C LEU B 134 -18.32 -19.02 9.21
N ARG B 135 -19.54 -18.61 8.87
CA ARG B 135 -19.85 -17.22 8.55
C ARG B 135 -20.43 -16.50 9.76
N PHE B 136 -20.17 -15.19 9.85
CA PHE B 136 -20.83 -14.35 10.85
C PHE B 136 -21.07 -12.97 10.27
N VAL B 137 -22.03 -12.26 10.87
CA VAL B 137 -22.43 -10.92 10.46
C VAL B 137 -22.13 -9.91 11.55
N VAL B 138 -21.59 -8.75 11.17
CA VAL B 138 -21.28 -7.66 12.07
C VAL B 138 -22.05 -6.43 11.60
N ASN B 139 -22.60 -5.66 12.54
CA ASN B 139 -23.34 -4.46 12.18
C ASN B 139 -22.51 -3.24 12.51
N ASP B 140 -22.14 -2.49 11.47
CA ASP B 140 -21.49 -1.19 11.64
C ASP B 140 -22.57 -0.11 11.51
N GLY B 141 -23.24 0.15 12.61
CA GLY B 141 -24.32 1.12 12.60
C GLY B 141 -25.44 0.72 11.66
N THR B 142 -25.65 1.56 10.63
CA THR B 142 -26.71 1.31 9.68
C THR B 142 -26.38 0.17 8.73
N ARG B 143 -25.11 -0.20 8.58
CA ARG B 143 -24.75 -1.19 7.58
C ARG B 143 -24.48 -2.55 8.23
N TYR B 144 -24.51 -3.59 7.40
CA TYR B 144 -24.18 -4.93 7.85
C TYR B 144 -23.13 -5.53 6.93
N GLN B 145 -22.25 -6.34 7.49
CA GLN B 145 -21.09 -6.85 6.78
C GLN B 145 -20.88 -8.30 7.17
N MET B 146 -20.57 -9.14 6.19
CA MET B 146 -20.56 -10.59 6.37
C MET B 146 -19.15 -11.12 6.14
N CYS B 147 -18.68 -11.95 7.07
CA CYS B 147 -17.27 -12.30 7.13
C CYS B 147 -17.11 -13.78 7.47
N VAL B 148 -16.08 -14.39 6.89
CA VAL B 148 -15.84 -15.81 6.99
C VAL B 148 -14.66 -16.04 7.92
N MET B 149 -14.88 -16.85 8.94
CA MET B 149 -13.83 -17.35 9.81
C MET B 149 -13.43 -18.73 9.32
N LYS B 150 -12.13 -18.94 9.15
CA LYS B 150 -11.59 -20.26 8.82
C LYS B 150 -10.85 -20.80 10.03
N LEU B 151 -11.20 -22.03 10.42
CA LEU B 151 -10.54 -22.78 11.48
C LEU B 151 -9.85 -23.97 10.84
N GLU B 152 -8.56 -24.13 11.09
CA GLU B 152 -7.87 -25.32 10.61
C GLU B 152 -7.00 -25.87 11.71
N SER B 153 -6.99 -27.19 11.86
CA SER B 153 -6.41 -27.77 13.06
C SER B 153 -5.77 -29.10 12.72
N TRP B 154 -4.74 -29.43 13.48
CA TRP B 154 -3.95 -30.63 13.26
C TRP B 154 -3.59 -31.25 14.60
N ALA B 155 -3.40 -32.57 14.57
CA ALA B 155 -2.88 -33.32 15.70
C ALA B 155 -1.87 -34.33 15.18
N HIS B 156 -0.96 -34.73 16.06
CA HIS B 156 0.07 -35.66 15.66
C HIS B 156 0.59 -36.35 16.91
N VAL B 157 1.15 -37.54 16.73
CA VAL B 157 1.92 -38.22 17.77
C VAL B 157 3.28 -38.60 17.22
N PHE B 158 4.33 -38.15 17.90
CA PHE B 158 5.69 -38.53 17.53
C PHE B 158 5.94 -39.98 17.88
N ARG B 159 6.94 -40.58 17.20
CA ARG B 159 7.41 -41.91 17.54
C ARG B 159 7.88 -42.05 18.98
N ASP B 160 8.28 -40.96 19.64
CA ASP B 160 8.66 -40.98 21.03
C ASP B 160 7.48 -40.78 21.99
N TYR B 161 6.26 -41.02 21.50
CA TYR B 161 5.01 -40.88 22.26
C TYR B 161 4.67 -39.46 22.69
N SER B 162 5.45 -38.47 22.29
CA SER B 162 5.00 -37.10 22.46
C SER B 162 3.76 -36.84 21.61
N VAL B 163 2.89 -35.99 22.10
CA VAL B 163 1.70 -35.58 21.36
C VAL B 163 1.79 -34.09 21.06
N SER B 164 1.32 -33.69 19.89
CA SER B 164 1.35 -32.30 19.49
C SER B 164 0.02 -31.92 18.87
N PHE B 165 -0.47 -30.73 19.21
CA PHE B 165 -1.71 -30.22 18.67
C PHE B 165 -1.48 -28.79 18.22
N GLN B 166 -2.05 -28.40 17.08
CA GLN B 166 -1.91 -27.02 16.64
C GLN B 166 -3.16 -26.54 15.93
N VAL B 167 -3.38 -25.23 15.97
CA VAL B 167 -4.52 -24.58 15.37
C VAL B 167 -4.04 -23.35 14.60
N ARG B 168 -4.75 -23.01 13.52
CA ARG B 168 -4.62 -21.72 12.87
C ARG B 168 -6.00 -21.18 12.55
N LEU B 169 -6.23 -19.91 12.88
CA LEU B 169 -7.54 -19.30 12.86
C LEU B 169 -7.44 -17.98 12.11
N THR B 170 -8.23 -17.80 11.07
CA THR B 170 -8.15 -16.58 10.26
C THR B 170 -9.53 -15.99 9.99
N PHE B 171 -9.54 -14.68 9.78
CA PHE B 171 -10.75 -13.90 9.51
C PHE B 171 -10.60 -13.21 8.15
N THR B 172 -11.66 -13.20 7.36
CA THR B 172 -11.59 -12.57 6.05
C THR B 172 -12.99 -12.11 5.64
N GLU B 173 -13.04 -11.10 4.77
CA GLU B 173 -14.32 -10.66 4.22
C GLU B 173 -14.86 -11.71 3.27
N ALA B 174 -16.19 -11.88 3.26
CA ALA B 174 -16.79 -12.97 2.49
C ALA B 174 -16.50 -12.87 1.01
N ASN B 175 -16.18 -11.68 0.51
CA ASN B 175 -15.48 -11.49 -0.75
C ASN B 175 -14.36 -10.50 -0.47
N ASN B 176 -13.20 -10.74 -1.07
CA ASN B 176 -11.99 -10.11 -0.56
C ASN B 176 -12.07 -8.59 -0.69
N GLN B 177 -11.63 -7.90 0.35
CA GLN B 177 -11.69 -6.45 0.41
C GLN B 177 -10.49 -5.92 1.17
N THR B 178 -10.21 -4.64 0.96
CA THR B 178 -8.91 -4.08 1.36
C THR B 178 -8.85 -3.79 2.86
N TYR B 179 -9.91 -3.21 3.41
CA TYR B 179 -9.95 -2.88 4.84
C TYR B 179 -11.40 -2.88 5.27
N THR B 180 -11.75 -3.74 6.21
CA THR B 180 -13.14 -3.91 6.62
C THR B 180 -13.21 -4.04 8.12
N PHE B 181 -14.44 -3.92 8.65
CA PHE B 181 -14.64 -3.92 10.08
C PHE B 181 -14.19 -5.23 10.72
N CYS B 182 -14.36 -6.34 10.01
CA CYS B 182 -13.87 -7.63 10.49
C CYS B 182 -12.35 -7.70 10.50
N THR B 183 -11.69 -7.12 9.51
CA THR B 183 -10.24 -7.15 9.48
C THR B 183 -9.59 -6.08 10.35
N HIS B 184 -10.29 -4.98 10.62
CA HIS B 184 -9.70 -3.84 11.35
C HIS B 184 -10.74 -3.21 12.27
N PRO B 185 -11.00 -3.82 13.42
CA PRO B 185 -11.97 -3.25 14.36
C PRO B 185 -11.45 -2.06 15.14
N ASN B 186 -10.12 -1.90 15.24
CA ASN B 186 -9.50 -0.82 16.02
C ASN B 186 -10.01 -0.77 17.45
N LEU B 187 -9.88 -1.90 18.13
CA LEU B 187 -10.49 -2.04 19.46
C LEU B 187 -9.79 -1.14 20.47
N ILE B 188 -10.59 -0.49 21.31
CA ILE B 188 -10.07 0.40 22.34
C ILE B 188 -9.55 -0.43 23.51
N VAL B 189 -8.25 -0.34 23.75
CA VAL B 189 -7.65 -1.00 24.90
C VAL B 189 -6.41 -0.25 25.37
N GLN C 1 8.59 -1.13 23.17
CA GLN C 1 7.56 -0.13 22.98
C GLN C 1 7.56 0.39 21.54
N CYS C 2 6.49 1.09 21.18
CA CYS C 2 6.39 1.74 19.87
C CYS C 2 7.40 2.86 19.72
N GLN C 3 7.72 3.17 18.46
CA GLN C 3 8.54 4.33 18.12
C GLN C 3 7.66 5.58 18.12
N ARG C 4 7.07 5.83 19.29
CA ARG C 4 5.90 6.72 19.40
C ARG C 4 6.12 8.04 18.69
N GLU C 5 7.19 8.76 19.04
CA GLU C 5 7.42 10.07 18.45
C GLU C 5 7.90 10.02 17.01
N THR C 6 8.08 8.84 16.42
CA THR C 6 8.28 8.77 14.98
C THR C 6 6.97 8.54 14.23
N ALA C 7 6.04 7.79 14.83
CA ALA C 7 4.76 7.52 14.18
C ALA C 7 3.76 8.65 14.42
N GLU C 8 3.75 9.21 15.61
CA GLU C 8 2.75 10.19 16.03
C GLU C 8 3.02 11.58 15.50
N LYS C 9 4.02 11.76 14.64
CA LYS C 9 4.63 13.06 14.41
C LYS C 9 3.61 14.13 14.04
N ASN C 10 2.61 13.78 13.24
CA ASN C 10 1.73 14.77 12.62
C ASN C 10 0.27 14.42 12.86
N ASP C 11 -0.56 15.46 12.82
CA ASP C 11 -1.99 15.31 13.03
C ASP C 11 -2.70 14.65 11.86
N TYR C 12 -2.12 14.71 10.66
CA TYR C 12 -2.81 14.41 9.40
C TYR C 12 -2.12 13.31 8.61
N TYR C 13 -1.31 12.47 9.27
CA TYR C 13 -0.73 11.31 8.60
C TYR C 13 -0.42 10.26 9.66
N ARG C 14 -0.83 9.02 9.40
CA ARG C 14 -0.44 7.87 10.21
C ARG C 14 -0.12 6.69 9.33
N VAL C 15 0.97 6.01 9.63
CA VAL C 15 1.31 4.77 8.91
C VAL C 15 0.20 3.75 9.15
N PRO C 16 -0.28 3.05 8.13
CA PRO C 16 -1.35 2.07 8.34
C PRO C 16 -1.00 1.03 9.39
N HIS C 17 -2.03 0.51 10.05
CA HIS C 17 -1.97 -0.38 11.21
C HIS C 17 -1.48 0.31 12.49
N TYR C 18 -1.37 1.64 12.49
CA TYR C 18 -0.90 2.38 13.65
C TYR C 18 -1.63 1.98 14.93
N TRP C 19 -2.96 1.99 14.90
CA TRP C 19 -3.72 1.78 16.13
C TRP C 19 -3.48 0.39 16.69
N ASP C 20 -3.58 -0.63 15.84
CA ASP C 20 -3.25 -1.98 16.28
C ASP C 20 -1.76 -2.14 16.57
N ALA C 21 -0.91 -1.25 16.05
CA ALA C 21 0.52 -1.32 16.32
C ALA C 21 0.93 -0.70 17.64
N CYS C 22 0.08 0.14 18.26
CA CYS C 22 0.49 0.74 19.51
C CYS C 22 -0.59 0.87 20.58
N SER C 23 -1.80 0.36 20.35
CA SER C 23 -2.70 0.09 21.45
C SER C 23 -2.04 -0.81 22.50
N ARG C 24 -2.44 -0.62 23.75
CA ARG C 24 -1.72 -1.18 24.90
C ARG C 24 -1.87 -2.69 24.96
N ALA C 25 -0.83 -3.37 25.47
CA ALA C 25 -0.89 -4.80 25.68
C ALA C 25 -1.89 -5.18 26.77
N LEU C 26 -2.45 -6.38 26.64
CA LEU C 26 -3.45 -6.87 27.58
C LEU C 26 -2.82 -7.18 28.95
N PRO C 27 -3.59 -7.04 30.02
CA PRO C 27 -3.20 -7.63 31.31
C PRO C 27 -3.03 -9.14 31.20
N ASP C 28 -1.93 -9.63 31.79
CA ASP C 28 -1.43 -10.98 31.51
C ASP C 28 -2.38 -12.07 32.03
N GLN C 29 -3.02 -11.83 33.17
CA GLN C 29 -4.03 -12.76 33.65
C GLN C 29 -5.18 -12.90 32.66
N THR C 30 -5.67 -11.78 32.14
CA THR C 30 -6.71 -11.83 31.11
C THR C 30 -6.23 -12.62 29.89
N ARG C 31 -4.97 -12.40 29.48
CA ARG C 31 -4.39 -13.13 28.36
C ARG C 31 -4.44 -14.65 28.57
N TYR C 32 -3.98 -15.12 29.73
CA TYR C 32 -4.07 -16.56 30.01
C TYR C 32 -5.51 -17.03 30.06
N LYS C 33 -6.40 -16.25 30.68
CA LYS C 33 -7.78 -16.69 30.80
C LYS C 33 -8.47 -16.81 29.44
N TYR C 34 -8.14 -15.94 28.49
CA TYR C 34 -8.64 -16.13 27.12
C TYR C 34 -7.99 -17.32 26.41
N VAL C 35 -6.67 -17.51 26.58
CA VAL C 35 -6.00 -18.63 25.92
C VAL C 35 -6.59 -19.96 26.38
N GLU C 36 -6.88 -20.10 27.67
CA GLU C 36 -7.43 -21.36 28.17
C GLU C 36 -8.75 -21.70 27.51
N GLN C 37 -9.65 -20.72 27.38
CA GLN C 37 -10.90 -20.95 26.69
C GLN C 37 -10.67 -21.37 25.25
N LEU C 38 -9.74 -20.70 24.57
CA LEU C 38 -9.58 -21.00 23.15
C LEU C 38 -9.00 -22.39 22.93
N VAL C 39 -7.97 -22.77 23.70
CA VAL C 39 -7.41 -24.12 23.59
C VAL C 39 -8.45 -25.17 23.89
N ASP C 40 -9.22 -24.97 24.96
CA ASP C 40 -10.28 -25.92 25.32
C ASP C 40 -11.25 -26.11 24.16
N LEU C 41 -11.85 -25.02 23.69
CA LEU C 41 -12.90 -25.14 22.68
C LEU C 41 -12.38 -25.74 21.38
N THR C 42 -11.17 -25.35 20.94
CA THR C 42 -10.67 -25.94 19.70
C THR C 42 -10.27 -27.41 19.86
N LEU C 43 -9.84 -27.84 21.04
CA LEU C 43 -9.55 -29.26 21.20
C LEU C 43 -10.82 -30.09 21.25
N ASN C 44 -11.86 -29.58 21.92
CA ASN C 44 -13.16 -30.23 21.85
C ASN C 44 -13.65 -30.36 20.42
N TYR C 45 -13.62 -29.26 19.66
CA TYR C 45 -14.07 -29.31 18.28
C TYR C 45 -13.27 -30.29 17.44
N HIS C 46 -11.96 -30.41 17.71
CA HIS C 46 -11.17 -31.36 16.94
C HIS C 46 -11.53 -32.80 17.25
N TYR C 47 -11.64 -33.15 18.54
CA TYR C 47 -12.06 -34.51 18.87
C TYR C 47 -13.43 -34.83 18.26
N ASP C 48 -14.38 -33.92 18.40
CA ASP C 48 -15.73 -34.18 17.91
C ASP C 48 -15.75 -34.34 16.40
N ALA C 49 -14.99 -33.50 15.68
CA ALA C 49 -14.89 -33.69 14.24
C ALA C 49 -14.21 -35.02 13.92
N SER C 50 -13.21 -35.40 14.72
CA SER C 50 -12.54 -36.67 14.49
C SER C 50 -13.51 -37.83 14.58
N HIS C 51 -14.62 -37.67 15.30
CA HIS C 51 -15.67 -38.68 15.30
C HIS C 51 -16.90 -38.27 14.52
N GLY C 52 -16.81 -37.22 13.71
CA GLY C 52 -17.89 -36.86 12.81
C GLY C 52 -19.09 -36.16 13.41
N LEU C 53 -18.95 -35.56 14.59
CA LEU C 53 -20.01 -34.69 15.11
C LEU C 53 -20.05 -33.37 14.35
N ASP C 54 -21.23 -32.74 14.36
CA ASP C 54 -21.36 -31.39 13.82
C ASP C 54 -20.92 -30.33 14.85
N ASN C 55 -21.25 -30.54 16.12
CA ASN C 55 -20.63 -29.85 17.25
C ASN C 55 -20.92 -28.35 17.27
N PHE C 56 -22.02 -27.92 16.65
CA PHE C 56 -22.25 -26.49 16.43
C PHE C 56 -22.34 -25.72 17.74
N ASP C 57 -22.91 -26.34 18.78
CA ASP C 57 -23.01 -25.69 20.09
C ASP C 57 -21.64 -25.26 20.63
N VAL C 58 -20.59 -26.02 20.33
CA VAL C 58 -19.25 -25.62 20.76
C VAL C 58 -18.70 -24.48 19.91
N LEU C 59 -18.73 -24.65 18.58
CA LEU C 59 -18.18 -23.63 17.69
C LEU C 59 -18.87 -22.29 17.88
N LYS C 60 -20.14 -22.29 18.30
CA LYS C 60 -20.86 -21.06 18.59
C LYS C 60 -20.15 -20.15 19.60
N ARG C 61 -19.34 -20.72 20.49
CA ARG C 61 -18.93 -20.03 21.70
C ARG C 61 -17.53 -19.40 21.64
N ILE C 62 -16.83 -19.47 20.51
CA ILE C 62 -15.58 -18.74 20.38
C ILE C 62 -15.86 -17.26 20.17
N ASN C 63 -15.29 -16.43 21.05
CA ASN C 63 -15.57 -15.00 21.13
C ASN C 63 -14.62 -14.23 20.21
N VAL C 64 -15.16 -13.69 19.11
CA VAL C 64 -14.31 -13.06 18.10
C VAL C 64 -13.55 -11.86 18.66
N THR C 65 -14.12 -11.20 19.66
CA THR C 65 -13.44 -10.07 20.31
C THR C 65 -12.14 -10.54 20.93
N GLU C 66 -12.21 -11.65 21.64
CA GLU C 66 -11.08 -12.06 22.47
C GLU C 66 -9.97 -12.60 21.60
N VAL C 67 -10.32 -13.36 20.57
CA VAL C 67 -9.31 -13.81 19.62
C VAL C 67 -8.68 -12.64 18.88
N SER C 68 -9.47 -11.61 18.56
CA SER C 68 -8.87 -10.45 17.90
C SER C 68 -7.90 -9.70 18.80
N LEU C 69 -8.22 -9.59 20.09
CA LEU C 69 -7.28 -9.03 21.04
C LEU C 69 -6.02 -9.87 21.16
N LEU C 70 -6.16 -11.19 21.19
CA LEU C 70 -4.97 -12.04 21.25
C LEU C 70 -4.15 -11.93 19.97
N ILE C 71 -4.79 -11.81 18.81
CA ILE C 71 -4.06 -11.59 17.57
C ILE C 71 -3.20 -10.34 17.67
N SER C 72 -3.79 -9.26 18.20
CA SER C 72 -3.00 -8.05 18.38
C SER C 72 -1.85 -8.26 19.36
N ASP C 73 -2.12 -8.94 20.47
CA ASP C 73 -1.09 -9.08 21.50
C ASP C 73 0.05 -9.96 21.03
N PHE C 74 -0.26 -11.09 20.40
CA PHE C 74 0.76 -11.92 19.80
C PHE C 74 1.40 -11.30 18.56
N ARG C 75 0.84 -10.21 18.04
CA ARG C 75 1.57 -9.50 17.00
C ARG C 75 2.59 -8.54 17.60
N ARG C 76 2.21 -7.84 18.67
CA ARG C 76 3.17 -7.00 19.37
C ARG C 76 4.35 -7.82 19.87
N GLN C 77 4.07 -8.93 20.55
CA GLN C 77 5.10 -9.89 20.94
C GLN C 77 4.50 -11.28 20.87
N ASN C 78 4.89 -12.05 19.85
CA ASN C 78 4.59 -13.47 19.85
C ASN C 78 5.25 -14.14 21.05
N ARG C 79 4.52 -15.07 21.67
CA ARG C 79 4.85 -15.54 23.00
C ARG C 79 5.12 -17.04 23.00
N ARG C 80 5.92 -17.46 23.98
CA ARG C 80 6.39 -18.84 24.09
C ARG C 80 6.33 -19.22 25.56
N GLY C 81 6.02 -20.49 25.83
CA GLY C 81 5.79 -20.95 27.18
C GLY C 81 7.06 -21.20 27.96
N GLY C 82 6.91 -21.95 29.05
CA GLY C 82 8.04 -22.49 29.78
C GLY C 82 8.89 -23.46 29.00
N ARG C 86 12.61 -27.87 23.30
CA ARG C 86 11.78 -28.40 24.37
C ARG C 86 11.04 -27.29 25.10
N THR C 87 10.26 -26.51 24.34
CA THR C 87 9.48 -25.41 24.88
C THR C 87 8.00 -25.70 24.70
N THR C 88 7.24 -25.57 25.79
CA THR C 88 5.94 -26.21 25.87
C THR C 88 4.94 -25.66 24.86
N PHE C 89 5.11 -24.41 24.43
CA PHE C 89 4.01 -23.70 23.78
C PHE C 89 4.55 -22.65 22.83
N ASN C 90 3.76 -22.33 21.79
CA ASN C 90 4.04 -21.18 20.95
C ASN C 90 2.74 -20.53 20.49
N ALA C 91 2.74 -19.20 20.38
CA ALA C 91 1.63 -18.48 19.77
C ALA C 91 2.16 -17.28 18.98
N ALA C 92 1.63 -17.10 17.77
CA ALA C 92 2.01 -15.99 16.92
C ALA C 92 0.76 -15.38 16.25
N GLY C 93 0.72 -14.07 16.20
CA GLY C 93 -0.28 -13.37 15.41
C GLY C 93 0.21 -13.09 14.01
N SER C 94 -0.72 -12.69 13.15
CA SER C 94 -0.36 -12.11 11.87
C SER C 94 -1.44 -11.15 11.42
N LEU C 95 -1.04 -10.12 10.68
CA LEU C 95 -1.94 -9.03 10.31
C LEU C 95 -1.60 -8.60 8.90
N ALA C 96 -2.62 -8.30 8.12
CA ALA C 96 -2.46 -7.97 6.71
C ALA C 96 -3.68 -7.18 6.28
N PRO C 97 -3.67 -6.59 5.08
CA PRO C 97 -4.83 -5.79 4.67
C PRO C 97 -6.11 -6.60 4.55
N HIS C 98 -6.09 -7.69 3.80
CA HIS C 98 -7.31 -8.45 3.55
C HIS C 98 -7.70 -9.37 4.69
N ALA C 99 -6.79 -9.66 5.62
CA ALA C 99 -7.06 -10.66 6.63
C ALA C 99 -6.15 -10.46 7.84
N ARG C 100 -6.57 -11.05 8.96
CA ARG C 100 -5.73 -11.21 10.14
C ARG C 100 -5.91 -12.63 10.66
N SER C 101 -4.91 -13.13 11.38
CA SER C 101 -4.94 -14.52 11.79
C SER C 101 -4.17 -14.74 13.08
N LEU C 102 -4.48 -15.87 13.71
CA LEU C 102 -3.77 -16.39 14.87
C LEU C 102 -3.30 -17.81 14.56
N GLU C 103 -2.07 -18.14 14.94
CA GLU C 103 -1.60 -19.52 14.92
C GLU C 103 -0.94 -19.85 16.24
N PHE C 104 -1.26 -21.03 16.78
CA PHE C 104 -0.66 -21.42 18.04
C PHE C 104 -0.51 -22.93 18.08
N SER C 105 0.37 -23.40 18.95
CA SER C 105 0.54 -24.82 19.17
C SER C 105 0.85 -25.07 20.64
N VAL C 106 0.40 -26.23 21.10
CA VAL C 106 0.68 -26.74 22.43
C VAL C 106 1.29 -28.12 22.26
N ARG C 107 2.34 -28.39 23.01
CA ARG C 107 2.98 -29.70 22.99
C ARG C 107 3.11 -30.24 24.40
N LEU C 108 2.88 -31.54 24.54
CA LEU C 108 2.97 -32.22 25.82
C LEU C 108 3.91 -33.38 25.64
N PHE C 109 4.73 -33.65 26.64
CA PHE C 109 5.91 -34.46 26.45
C PHE C 109 5.84 -35.73 27.27
N ALA C 110 6.37 -36.81 26.71
CA ALA C 110 6.42 -38.08 27.40
C ALA C 110 7.42 -38.08 28.55
N ASN C 111 8.29 -37.08 28.61
CA ASN C 111 9.33 -37.02 29.64
C ASN C 111 9.57 -35.59 30.08
N ASP D 126 -23.45 3.46 -14.24
CA ASP D 126 -23.45 4.81 -13.70
C ASP D 126 -22.53 5.75 -14.47
N CYS D 127 -22.12 6.85 -13.82
CA CYS D 127 -21.18 7.80 -14.40
C CYS D 127 -19.85 7.19 -14.81
N SER D 128 -19.53 5.97 -14.40
CA SER D 128 -18.18 5.42 -14.59
C SER D 128 -17.95 5.00 -16.05
N LYS D 129 -18.09 5.98 -16.94
CA LYS D 129 -18.02 5.70 -18.37
C LYS D 129 -16.65 5.17 -18.76
N ASN D 130 -16.63 4.21 -19.67
CA ASN D 130 -15.42 3.66 -20.26
C ASN D 130 -15.26 4.17 -21.69
N PHE D 131 -14.03 4.50 -22.07
CA PHE D 131 -13.77 5.13 -23.37
C PHE D 131 -12.63 4.41 -24.08
N THR D 132 -12.80 4.23 -25.39
CA THR D 132 -11.67 3.98 -26.30
C THR D 132 -12.13 4.37 -27.71
N SER D 133 -11.66 5.51 -28.17
CA SER D 133 -12.01 6.05 -29.48
C SER D 133 -10.97 7.09 -29.85
N PRO D 134 -10.78 7.36 -31.15
CA PRO D 134 -9.60 8.17 -31.53
C PRO D 134 -9.59 9.56 -30.94
N ASN D 135 -10.74 10.24 -30.91
CA ASN D 135 -10.85 11.54 -30.25
C ASN D 135 -12.14 11.60 -29.46
N GLY D 136 -12.10 12.33 -28.35
CA GLY D 136 -13.32 12.50 -27.56
C GLY D 136 -13.15 13.50 -26.44
N THR D 137 -14.24 13.65 -25.69
CA THR D 137 -14.37 14.64 -24.63
C THR D 137 -14.80 13.95 -23.34
N ILE D 138 -14.50 14.58 -22.20
CA ILE D 138 -14.86 14.02 -20.91
C ILE D 138 -15.22 15.18 -19.98
N GLU D 139 -16.18 14.94 -19.09
CA GLU D 139 -16.59 15.96 -18.14
C GLU D 139 -17.39 15.33 -17.01
N SER D 140 -17.51 16.09 -15.93
CA SER D 140 -18.34 15.70 -14.80
C SER D 140 -19.80 15.81 -15.19
N PRO D 141 -20.65 14.93 -14.68
CA PRO D 141 -22.05 14.93 -15.14
C PRO D 141 -22.70 16.28 -14.89
N GLY D 142 -23.21 16.86 -15.96
CA GLY D 142 -23.78 18.19 -15.93
C GLY D 142 -22.65 19.16 -16.23
N PHE D 143 -22.56 19.67 -17.46
CA PHE D 143 -21.53 20.63 -17.75
C PHE D 143 -22.14 21.64 -18.71
N PRO D 144 -22.10 22.93 -18.39
CA PRO D 144 -21.25 23.58 -17.39
C PRO D 144 -21.90 23.66 -16.01
N GLU D 145 -23.00 22.95 -15.84
CA GLU D 145 -23.73 22.97 -14.58
C GLU D 145 -22.90 22.31 -13.48
N LYS D 146 -23.24 22.63 -12.23
CA LYS D 146 -22.52 22.08 -11.09
C LYS D 146 -22.71 20.57 -10.98
N TYR D 147 -21.63 19.89 -10.62
CA TYR D 147 -21.65 18.44 -10.48
C TYR D 147 -22.44 17.97 -9.26
N PRO D 148 -23.14 16.84 -9.35
CA PRO D 148 -23.87 16.29 -8.21
C PRO D 148 -23.03 16.05 -6.98
N HIS D 149 -23.72 15.88 -5.85
CA HIS D 149 -23.12 15.47 -4.59
C HIS D 149 -22.96 13.96 -4.48
N ASN D 150 -22.02 13.55 -3.62
CA ASN D 150 -21.73 12.14 -3.33
C ASN D 150 -21.45 11.32 -4.58
N LEU D 151 -20.73 11.90 -5.54
CA LEU D 151 -20.19 11.12 -6.63
C LEU D 151 -18.95 10.34 -6.18
N ASP D 152 -18.71 9.23 -6.86
CA ASP D 152 -17.46 8.48 -6.75
C ASP D 152 -17.11 7.90 -8.10
N CYS D 153 -17.25 8.71 -9.14
CA CYS D 153 -17.08 8.25 -10.51
C CYS D 153 -15.64 7.89 -10.83
N THR D 154 -15.46 6.94 -11.74
CA THR D 154 -14.13 6.65 -12.29
C THR D 154 -14.21 6.43 -13.79
N PHE D 155 -13.20 6.92 -14.49
CA PHE D 155 -13.14 6.94 -15.95
C PHE D 155 -11.85 6.28 -16.39
N THR D 156 -11.90 5.55 -17.50
CA THR D 156 -10.73 4.84 -17.98
C THR D 156 -10.50 5.14 -19.46
N ILE D 157 -9.28 5.54 -19.78
CA ILE D 157 -8.83 5.68 -21.16
C ILE D 157 -7.85 4.56 -21.43
N LEU D 158 -8.16 3.71 -22.40
CA LEU D 158 -7.41 2.50 -22.66
C LEU D 158 -6.95 2.54 -24.10
N ALA D 159 -5.65 2.73 -24.31
CA ALA D 159 -5.12 2.96 -25.64
C ALA D 159 -4.85 1.64 -26.34
N LYS D 160 -4.91 1.68 -27.66
CA LYS D 160 -4.39 0.58 -28.45
C LYS D 160 -2.88 0.43 -28.19
N PRO D 161 -2.32 -0.73 -28.53
CA PRO D 161 -0.86 -0.89 -28.43
C PRO D 161 -0.10 0.14 -29.26
N LYS D 162 1.03 0.59 -28.72
CA LYS D 162 1.94 1.52 -29.39
C LYS D 162 1.25 2.84 -29.77
N MET D 163 0.18 3.22 -29.09
CA MET D 163 -0.45 4.52 -29.28
C MET D 163 -0.30 5.38 -28.04
N GLU D 164 0.12 6.63 -28.22
CA GLU D 164 0.18 7.60 -27.14
C GLU D 164 -1.22 8.01 -26.70
N ILE D 165 -1.35 8.41 -25.44
CA ILE D 165 -2.49 9.16 -24.94
C ILE D 165 -2.05 10.59 -24.64
N ILE D 166 -2.81 11.57 -25.13
CA ILE D 166 -2.63 12.97 -24.79
C ILE D 166 -3.92 13.47 -24.17
N LEU D 167 -3.83 14.11 -23.00
CA LEU D 167 -5.00 14.57 -22.28
C LEU D 167 -4.80 16.02 -21.88
N GLN D 168 -5.77 16.86 -22.22
CA GLN D 168 -5.68 18.30 -22.04
C GLN D 168 -6.96 18.80 -21.39
N PHE D 169 -6.84 19.45 -20.24
CA PHE D 169 -7.98 20.01 -19.53
C PHE D 169 -8.30 21.41 -20.02
N LEU D 170 -9.59 21.73 -19.97
CA LEU D 170 -10.11 22.93 -20.59
C LEU D 170 -11.00 23.74 -19.66
N ILE D 171 -11.58 23.12 -18.63
CA ILE D 171 -12.18 23.85 -17.52
C ILE D 171 -11.91 23.05 -16.25
N PHE D 172 -11.59 23.76 -15.17
CA PHE D 172 -11.40 23.13 -13.87
C PHE D 172 -11.72 24.12 -12.76
N ASP D 173 -12.74 23.80 -11.96
CA ASP D 173 -13.17 24.64 -10.83
C ASP D 173 -13.88 23.72 -9.84
N LEU D 174 -13.11 23.11 -8.93
CA LEU D 174 -13.65 22.29 -7.85
C LEU D 174 -13.47 23.01 -6.51
N GLU D 175 -14.53 23.07 -5.72
CA GLU D 175 -14.51 23.83 -4.48
C GLU D 175 -13.62 23.16 -3.44
N HIS D 176 -12.84 23.97 -2.73
CA HIS D 176 -12.12 23.49 -1.56
C HIS D 176 -12.37 24.41 -0.37
N ASP D 185 -3.79 17.71 -1.95
CA ASP D 185 -3.81 17.98 -0.51
C ASP D 185 -5.21 18.34 -0.06
N CYS D 186 -6.16 18.34 -0.99
CA CYS D 186 -7.52 18.70 -0.64
C CYS D 186 -8.21 17.58 0.13
N LYS D 187 -9.34 17.93 0.71
CA LYS D 187 -9.99 17.13 1.73
C LYS D 187 -11.43 16.80 1.41
N TYR D 188 -12.10 17.58 0.57
CA TYR D 188 -13.55 17.47 0.38
C TYR D 188 -13.87 16.89 -0.99
N ASP D 189 -13.54 17.60 -2.07
CA ASP D 189 -13.74 17.11 -3.42
C ASP D 189 -12.38 17.04 -4.10
N TRP D 190 -12.21 16.05 -4.98
CA TRP D 190 -10.96 16.02 -5.72
C TRP D 190 -11.07 15.18 -6.97
N LEU D 191 -10.15 15.43 -7.90
CA LEU D 191 -9.89 14.51 -9.01
C LEU D 191 -8.54 13.85 -8.78
N ASP D 192 -8.51 12.53 -8.73
CA ASP D 192 -7.27 11.79 -8.80
C ASP D 192 -6.97 11.39 -10.24
N ILE D 193 -5.69 11.23 -10.54
CA ILE D 193 -5.28 10.58 -11.78
C ILE D 193 -4.32 9.46 -11.48
N TRP D 194 -4.59 8.28 -12.05
CA TRP D 194 -3.77 7.09 -11.86
C TRP D 194 -3.18 6.68 -13.20
N ASP D 195 -1.88 6.40 -13.20
CA ASP D 195 -1.19 5.81 -14.34
C ASP D 195 -1.47 4.30 -14.40
N GLY D 196 -2.74 3.96 -14.51
CA GLY D 196 -3.14 2.57 -14.40
C GLY D 196 -4.58 2.45 -13.94
N ILE D 197 -4.92 1.26 -13.47
CA ILE D 197 -6.19 1.07 -12.76
C ILE D 197 -6.13 1.83 -11.44
N PRO D 198 -7.21 2.49 -11.03
CA PRO D 198 -7.18 3.22 -9.76
C PRO D 198 -6.82 2.32 -8.58
N HIS D 199 -6.10 2.92 -7.64
CA HIS D 199 -5.58 2.26 -6.43
C HIS D 199 -4.64 1.10 -6.72
N VAL D 200 -4.18 0.95 -7.94
CA VAL D 200 -3.17 -0.04 -8.29
C VAL D 200 -1.95 0.61 -8.92
N GLY D 201 -2.15 1.46 -9.91
CA GLY D 201 -1.08 2.18 -10.53
C GLY D 201 -0.56 3.34 -9.69
N PRO D 202 0.60 3.85 -10.07
CA PRO D 202 1.15 5.05 -9.41
C PRO D 202 0.17 6.21 -9.48
N LEU D 203 0.08 6.97 -8.40
CA LEU D 203 -0.68 8.20 -8.42
C LEU D 203 0.07 9.29 -9.17
N ILE D 204 -0.59 9.88 -10.17
CA ILE D 204 -0.01 11.02 -10.87
C ILE D 204 -0.19 12.30 -10.08
N GLY D 205 -1.42 12.56 -9.66
CA GLY D 205 -1.64 13.60 -8.68
C GLY D 205 -3.11 13.69 -8.29
N LYS D 206 -3.33 14.33 -7.15
CA LYS D 206 -4.64 14.78 -6.71
C LYS D 206 -4.77 16.26 -7.01
N TYR D 207 -5.88 16.64 -7.64
CA TYR D 207 -6.04 17.97 -8.19
C TYR D 207 -7.38 18.54 -7.75
N CYS D 208 -7.37 19.84 -7.48
CA CYS D 208 -8.39 20.48 -6.68
C CYS D 208 -8.33 21.99 -6.88
N GLY D 209 -9.36 22.66 -6.42
CA GLY D 209 -9.36 24.11 -6.44
C GLY D 209 -9.47 24.66 -7.85
N THR D 210 -8.54 25.56 -8.19
CA THR D 210 -8.69 26.42 -9.35
C THR D 210 -7.47 26.40 -10.27
N LYS D 211 -6.48 25.56 -9.99
CA LYS D 211 -5.34 25.40 -10.89
C LYS D 211 -5.59 24.22 -11.82
N THR D 212 -5.83 24.54 -13.09
CA THR D 212 -6.14 23.55 -14.11
C THR D 212 -4.98 22.56 -14.28
N PRO D 213 -5.20 21.27 -14.05
CA PRO D 213 -4.10 20.30 -14.17
C PRO D 213 -3.50 20.31 -15.56
N SER D 214 -2.18 20.45 -15.62
CA SER D 214 -1.49 20.63 -16.89
C SER D 214 -1.62 19.42 -17.79
N GLU D 215 -1.53 19.68 -19.10
CA GLU D 215 -1.65 18.65 -20.13
C GLU D 215 -0.65 17.52 -19.88
N LEU D 216 -1.12 16.28 -20.01
CA LEU D 216 -0.31 15.12 -19.69
C LEU D 216 -0.34 14.11 -20.83
N ARG D 217 0.79 13.43 -21.00
CA ARG D 217 1.02 12.52 -22.11
C ARG D 217 1.58 11.22 -21.56
N SER D 218 1.07 10.10 -22.03
CA SER D 218 1.51 8.81 -21.53
C SER D 218 1.59 7.78 -22.64
N SER D 219 2.51 6.82 -22.47
CA SER D 219 2.66 5.69 -23.35
C SER D 219 2.31 4.36 -22.71
N THR D 220 2.24 4.30 -21.38
CA THR D 220 1.95 3.07 -20.66
C THR D 220 0.60 2.45 -21.04
N GLY D 221 -0.25 3.16 -21.78
CA GLY D 221 -1.38 2.55 -22.42
C GLY D 221 -2.69 2.62 -21.65
N ILE D 222 -2.65 2.89 -20.36
CA ILE D 222 -3.86 3.00 -19.55
C ILE D 222 -3.76 4.23 -18.67
N LEU D 223 -4.83 5.02 -18.63
CA LEU D 223 -4.84 6.27 -17.85
C LEU D 223 -6.23 6.44 -17.25
N SER D 224 -6.32 6.51 -15.93
CA SER D 224 -7.62 6.51 -15.29
C SER D 224 -7.79 7.70 -14.38
N LEU D 225 -9.02 8.18 -14.28
CA LEU D 225 -9.38 9.37 -13.55
C LEU D 225 -10.44 9.00 -12.52
N THR D 226 -10.43 9.67 -11.38
CA THR D 226 -11.39 9.35 -10.34
C THR D 226 -11.88 10.62 -9.68
N PHE D 227 -13.19 10.78 -9.61
CA PHE D 227 -13.79 12.03 -9.17
C PHE D 227 -14.59 11.75 -7.90
N HIS D 228 -14.18 12.42 -6.81
CA HIS D 228 -14.83 12.31 -5.51
C HIS D 228 -15.49 13.63 -5.19
N THR D 229 -16.75 13.57 -4.75
CA THR D 229 -17.47 14.72 -4.24
C THR D 229 -18.05 14.46 -2.87
N ASP D 230 -18.04 15.49 -2.02
CA ASP D 230 -18.60 15.42 -0.68
C ASP D 230 -20.13 15.48 -0.74
N MET D 231 -20.76 15.56 0.43
CA MET D 231 -22.21 15.62 0.53
C MET D 231 -22.80 17.01 0.31
N ALA D 232 -22.00 18.08 0.17
CA ALA D 232 -22.57 19.38 0.50
C ALA D 232 -22.19 20.53 -0.44
N VAL D 233 -21.04 20.53 -1.10
CA VAL D 233 -20.64 21.69 -1.89
C VAL D 233 -20.18 21.24 -3.27
N ALA D 234 -20.49 22.05 -4.28
CA ALA D 234 -20.16 21.76 -5.67
C ALA D 234 -19.96 23.06 -6.42
N LYS D 235 -19.15 23.00 -7.46
CA LYS D 235 -18.90 24.13 -8.35
C LYS D 235 -18.85 23.60 -9.77
N ASP D 236 -18.26 24.37 -10.69
CA ASP D 236 -18.45 24.14 -12.11
C ASP D 236 -17.76 22.88 -12.61
N GLY D 237 -16.95 22.23 -11.79
CA GLY D 237 -16.43 20.92 -12.16
C GLY D 237 -15.29 20.94 -13.17
N PHE D 238 -15.28 20.02 -14.12
CA PHE D 238 -14.18 19.99 -15.08
C PHE D 238 -14.67 19.52 -16.44
N SER D 239 -13.95 19.93 -17.48
CA SER D 239 -14.02 19.29 -18.79
C SER D 239 -12.65 19.25 -19.44
N ALA D 240 -12.42 18.17 -20.19
CA ALA D 240 -11.15 17.89 -20.85
C ALA D 240 -11.39 17.20 -22.18
N ARG D 241 -10.33 17.12 -22.99
CA ARG D 241 -10.30 16.49 -24.31
C ARG D 241 -9.14 15.50 -24.37
N TYR D 242 -9.35 14.34 -25.02
CA TYR D 242 -8.28 13.35 -25.15
C TYR D 242 -8.02 12.95 -26.59
N TYR D 243 -6.74 12.79 -26.93
CA TYR D 243 -6.29 12.47 -28.28
C TYR D 243 -5.25 11.35 -28.21
N LEU D 244 -4.94 10.75 -29.37
CA LEU D 244 -3.90 9.72 -29.49
C LEU D 244 -3.02 10.00 -30.71
N VAL D 245 -1.76 9.57 -30.64
CA VAL D 245 -0.80 9.80 -31.72
C VAL D 245 0.23 8.68 -31.72
N HIS D 246 0.97 8.58 -32.84
CA HIS D 246 1.61 7.35 -33.32
C HIS D 246 0.58 6.34 -33.77
N GLN D 254 21.01 8.14 -30.55
CA GLN D 254 19.61 8.42 -30.27
C GLN D 254 19.32 8.36 -28.77
N CYS D 255 18.05 8.54 -28.42
CA CYS D 255 17.62 8.76 -27.05
C CYS D 255 18.28 10.00 -26.46
N ASN D 256 18.31 11.07 -27.24
CA ASN D 256 18.93 12.33 -26.85
C ASN D 256 17.99 13.48 -27.15
N VAL D 257 16.70 13.19 -27.21
CA VAL D 257 15.69 14.21 -27.47
C VAL D 257 15.41 14.94 -26.17
N PRO D 258 15.37 16.27 -26.18
CA PRO D 258 15.04 16.99 -24.95
C PRO D 258 13.61 16.67 -24.53
N LEU D 259 13.43 16.43 -23.23
CA LEU D 259 12.11 16.11 -22.71
C LEU D 259 11.15 17.25 -23.00
N GLY D 260 11.64 18.49 -22.91
CA GLY D 260 10.83 19.64 -23.22
C GLY D 260 10.73 20.72 -22.18
N MET D 261 11.85 20.97 -21.48
CA MET D 261 11.87 22.07 -20.53
C MET D 261 11.70 23.39 -21.26
N GLU D 262 12.43 23.57 -22.36
CA GLU D 262 12.30 24.77 -23.18
C GLU D 262 10.94 24.83 -23.87
N SER D 263 10.42 23.69 -24.31
CA SER D 263 9.19 23.63 -25.09
C SER D 263 7.95 23.49 -24.24
N GLY D 264 8.03 23.78 -22.94
CA GLY D 264 6.85 23.75 -22.11
C GLY D 264 6.30 22.38 -21.81
N ARG D 265 7.00 21.31 -22.22
CA ARG D 265 6.55 19.96 -21.91
C ARG D 265 6.66 19.64 -20.43
N ILE D 266 7.57 20.30 -19.72
CA ILE D 266 7.47 20.45 -18.28
C ILE D 266 6.73 21.75 -17.98
N ALA D 267 5.49 21.63 -17.54
CA ALA D 267 4.67 22.78 -17.19
C ALA D 267 5.13 23.39 -15.86
N ASN D 268 4.66 24.61 -15.61
CA ASN D 268 5.06 25.35 -14.43
C ASN D 268 4.68 24.66 -13.13
N GLU D 269 3.67 23.80 -13.14
CA GLU D 269 3.31 23.04 -11.96
C GLU D 269 4.34 21.96 -11.62
N GLN D 270 5.15 21.53 -12.57
CA GLN D 270 6.09 20.45 -12.33
C GLN D 270 7.39 20.91 -11.70
N ILE D 271 7.62 22.21 -11.57
CA ILE D 271 8.88 22.75 -11.08
C ILE D 271 8.68 23.28 -9.67
N SER D 272 9.63 23.00 -8.78
CA SER D 272 9.55 23.49 -7.42
C SER D 272 10.95 23.54 -6.83
N ALA D 273 11.08 24.21 -5.69
CA ALA D 273 12.38 24.36 -5.05
C ALA D 273 12.19 24.52 -3.55
N SER D 274 13.30 24.39 -2.82
CA SER D 274 13.24 24.41 -1.36
C SER D 274 12.75 25.75 -0.84
N SER D 275 13.20 26.85 -1.45
CA SER D 275 12.77 28.18 -1.04
C SER D 275 13.07 29.16 -2.18
N THR D 276 12.51 30.35 -2.06
CA THR D 276 12.92 31.48 -2.87
C THR D 276 13.65 32.50 -2.00
N TYR D 277 14.45 33.34 -2.65
CA TYR D 277 14.89 34.56 -2.04
C TYR D 277 13.72 35.51 -1.80
N SER D 278 13.96 36.53 -0.97
CA SER D 278 12.89 37.44 -0.55
C SER D 278 12.30 38.20 -1.73
N ASP D 279 13.10 38.47 -2.76
CA ASP D 279 12.72 39.44 -3.78
C ASP D 279 11.77 38.87 -4.83
N GLY D 280 11.68 37.54 -4.96
CA GLY D 280 10.89 36.99 -6.05
C GLY D 280 11.39 37.31 -7.43
N ARG D 281 12.69 37.59 -7.58
CA ARG D 281 13.30 37.86 -8.86
C ARG D 281 14.23 36.73 -9.31
N TRP D 282 14.19 35.60 -8.62
CA TRP D 282 14.97 34.42 -8.97
C TRP D 282 14.16 33.17 -8.69
N THR D 283 12.90 33.17 -9.13
CA THR D 283 11.99 32.09 -8.85
C THR D 283 12.29 30.86 -9.71
N PRO D 284 11.84 29.68 -9.26
CA PRO D 284 12.21 28.44 -9.98
C PRO D 284 11.67 28.35 -11.39
N GLN D 285 10.44 28.81 -11.62
CA GLN D 285 9.77 28.56 -12.89
C GLN D 285 10.54 29.12 -14.07
N GLN D 286 11.34 30.17 -13.87
CA GLN D 286 12.12 30.76 -14.94
C GLN D 286 13.35 29.94 -15.32
N SER D 287 13.51 28.73 -14.80
CA SER D 287 14.75 27.99 -15.02
C SER D 287 14.90 27.44 -16.43
N ARG D 288 13.97 27.75 -17.34
CA ARG D 288 14.14 27.45 -18.76
C ARG D 288 15.52 27.85 -19.27
N LEU D 289 16.19 26.91 -19.94
CA LEU D 289 17.61 27.03 -20.27
C LEU D 289 17.94 28.34 -20.99
N HIS D 290 17.19 28.66 -22.05
CA HIS D 290 17.44 29.87 -22.82
C HIS D 290 16.48 30.99 -22.47
N GLY D 291 15.92 30.98 -21.26
CA GLY D 291 15.18 32.12 -20.77
C GLY D 291 16.10 33.29 -20.54
N ASP D 292 15.86 34.40 -21.23
CA ASP D 292 16.67 35.61 -21.07
C ASP D 292 16.24 36.34 -19.79
N ASP D 293 16.42 35.62 -18.68
CA ASP D 293 15.93 36.08 -17.39
C ASP D 293 16.80 35.46 -16.30
N ASN D 294 16.64 35.98 -15.09
CA ASN D 294 17.39 35.50 -13.95
C ASN D 294 17.19 34.00 -13.75
N GLY D 295 18.23 33.34 -13.26
CA GLY D 295 18.13 31.96 -12.83
C GLY D 295 17.43 31.85 -11.49
N TRP D 296 17.51 30.65 -10.91
CA TRP D 296 17.02 30.46 -9.56
C TRP D 296 18.07 30.87 -8.52
N THR D 297 17.60 31.39 -7.39
CA THR D 297 18.39 31.43 -6.16
C THR D 297 17.45 31.19 -4.99
N PRO D 298 17.85 30.38 -4.02
CA PRO D 298 17.11 30.27 -2.77
C PRO D 298 17.49 31.38 -1.80
N ASN D 299 16.92 31.32 -0.60
CA ASN D 299 17.11 32.38 0.38
C ASN D 299 18.55 32.47 0.88
N LEU D 300 19.29 31.37 0.85
CA LEU D 300 20.70 31.39 1.23
C LEU D 300 21.49 30.48 0.31
N ASP D 301 22.68 30.94 -0.09
CA ASP D 301 23.61 30.11 -0.85
C ASP D 301 24.28 29.09 0.06
N SER D 302 23.85 27.84 -0.05
CA SER D 302 24.34 26.75 0.80
C SER D 302 24.07 25.44 0.09
N ASN D 303 24.64 24.38 0.63
CA ASN D 303 24.71 23.10 -0.06
C ASN D 303 23.49 22.21 0.16
N LYS D 304 22.56 22.59 1.02
CA LYS D 304 21.33 21.84 1.20
C LYS D 304 20.18 22.29 0.29
N GLU D 305 20.19 23.54 -0.15
CA GLU D 305 19.09 24.05 -0.97
C GLU D 305 19.07 23.36 -2.33
N TYR D 306 17.87 23.10 -2.84
CA TYR D 306 17.70 22.22 -3.99
C TYR D 306 16.60 22.71 -4.91
N LEU D 307 16.72 22.31 -6.18
CA LEU D 307 15.71 22.48 -7.21
C LEU D 307 15.18 21.11 -7.63
N GLN D 308 13.86 20.99 -7.83
CA GLN D 308 13.23 19.71 -8.07
C GLN D 308 12.27 19.82 -9.24
N VAL D 309 12.26 18.80 -10.09
CA VAL D 309 11.31 18.65 -11.17
C VAL D 309 10.72 17.24 -11.15
N ASP D 310 9.41 17.15 -11.34
CA ASP D 310 8.69 15.90 -11.40
C ASP D 310 8.37 15.55 -12.84
N LEU D 311 9.09 14.58 -13.40
CA LEU D 311 8.71 13.95 -14.66
C LEU D 311 7.64 12.92 -14.36
N ARG D 312 6.38 13.27 -14.62
CA ARG D 312 5.26 12.53 -14.05
C ARG D 312 5.27 11.04 -14.35
N PHE D 313 5.95 10.61 -15.42
CA PHE D 313 5.99 9.21 -15.82
C PHE D 313 7.44 8.75 -15.87
N LEU D 314 7.65 7.46 -15.63
CA LEU D 314 9.00 6.90 -15.66
C LEU D 314 9.69 7.26 -16.96
N THR D 315 10.85 7.88 -16.84
CA THR D 315 11.52 8.49 -17.97
C THR D 315 13.02 8.32 -17.79
N MET D 316 13.75 8.22 -18.89
CA MET D 316 15.14 7.84 -18.85
C MET D 316 15.99 9.06 -19.20
N LEU D 317 17.03 9.30 -18.42
CA LEU D 317 17.87 10.49 -18.52
C LEU D 317 19.24 10.08 -19.06
N THR D 318 19.74 10.86 -20.02
CA THR D 318 21.06 10.68 -20.61
C THR D 318 22.03 11.83 -20.36
N ALA D 319 21.57 13.07 -20.31
CA ALA D 319 22.50 14.19 -20.14
C ALA D 319 21.80 15.39 -19.54
N ILE D 320 22.58 16.21 -18.83
CA ILE D 320 22.11 17.39 -18.12
C ILE D 320 22.89 18.61 -18.62
N ALA D 321 22.16 19.63 -19.04
CA ALA D 321 22.73 20.84 -19.62
C ALA D 321 22.45 22.05 -18.73
N THR D 322 23.40 22.98 -18.68
CA THR D 322 23.45 24.02 -17.67
C THR D 322 23.83 25.35 -18.31
N GLN D 323 23.25 26.42 -17.76
CA GLN D 323 23.64 27.80 -18.01
C GLN D 323 23.64 28.56 -16.69
N GLY D 324 24.55 29.52 -16.58
CA GLY D 324 24.51 30.47 -15.48
C GLY D 324 23.53 31.60 -15.77
N ALA D 325 23.62 32.66 -14.96
CA ALA D 325 22.73 33.80 -15.19
C ALA D 325 23.39 35.08 -14.70
N ILE D 326 23.66 35.99 -15.63
CA ILE D 326 23.74 37.42 -15.33
C ILE D 326 22.34 37.98 -15.14
N SER D 327 22.22 38.97 -14.25
CA SER D 327 20.97 39.70 -14.10
C SER D 327 20.80 40.70 -15.25
N ARG D 328 19.63 40.69 -15.88
CA ARG D 328 19.36 41.63 -16.97
C ARG D 328 19.33 43.09 -16.49
N GLU D 329 18.86 43.35 -15.28
CA GLU D 329 18.74 44.71 -14.78
C GLU D 329 20.02 45.25 -14.15
N THR D 330 20.95 44.38 -13.77
CA THR D 330 22.18 44.78 -13.08
C THR D 330 23.26 43.77 -13.44
N GLN D 331 24.33 44.26 -14.08
CA GLN D 331 25.24 43.42 -14.84
C GLN D 331 26.24 42.64 -14.00
N ASN D 332 26.15 42.72 -12.67
CA ASN D 332 26.73 41.67 -11.86
C ASN D 332 25.82 40.43 -11.92
N GLY D 333 26.21 39.35 -11.26
CA GLY D 333 25.49 38.11 -11.46
C GLY D 333 25.95 36.99 -10.55
N TYR D 334 25.56 35.77 -10.95
CA TYR D 334 25.88 34.56 -10.23
C TYR D 334 26.15 33.45 -11.24
N TYR D 335 26.94 32.45 -10.86
CA TYR D 335 26.88 31.19 -11.60
C TYR D 335 27.40 30.02 -10.75
N VAL D 336 26.77 28.87 -10.95
CA VAL D 336 27.21 27.60 -10.38
C VAL D 336 28.54 27.16 -10.98
N LYS D 337 29.44 26.66 -10.13
CA LYS D 337 30.64 26.04 -10.64
C LYS D 337 30.56 24.52 -10.61
N SER D 338 29.84 23.94 -9.64
CA SER D 338 29.74 22.49 -9.52
C SER D 338 28.42 22.13 -8.85
N TYR D 339 27.92 20.94 -9.16
CA TYR D 339 26.57 20.54 -8.74
C TYR D 339 26.45 19.03 -8.71
N LYS D 340 25.38 18.56 -8.06
CA LYS D 340 25.12 17.15 -7.83
C LYS D 340 23.69 16.81 -8.23
N LEU D 341 23.50 15.58 -8.69
CA LEU D 341 22.23 15.07 -9.20
C LEU D 341 21.65 14.07 -8.22
N GLU D 342 20.40 14.30 -7.80
CA GLU D 342 19.64 13.39 -6.95
C GLU D 342 18.46 12.87 -7.74
N VAL D 343 18.20 11.56 -7.67
CA VAL D 343 17.20 10.92 -8.51
C VAL D 343 16.33 10.01 -7.67
N SER D 344 15.06 9.89 -8.05
CA SER D 344 14.15 9.04 -7.28
C SER D 344 13.02 8.54 -8.18
N THR D 345 12.47 7.38 -7.82
CA THR D 345 11.26 6.88 -8.45
C THR D 345 9.98 7.35 -7.77
N ASN D 346 10.08 7.86 -6.55
CA ASN D 346 8.93 8.04 -5.68
C ASN D 346 8.95 9.33 -4.88
N GLY D 347 10.11 9.96 -4.70
CA GLY D 347 10.23 11.22 -4.00
C GLY D 347 10.29 11.13 -2.49
N GLU D 348 9.92 10.01 -1.90
CA GLU D 348 10.07 9.83 -0.46
C GLU D 348 11.46 9.33 -0.06
N ASP D 349 12.20 8.73 -0.98
CA ASP D 349 13.57 8.29 -0.72
C ASP D 349 14.40 8.53 -1.97
N TRP D 350 15.72 8.52 -1.81
CA TRP D 350 16.58 9.07 -2.87
C TRP D 350 17.84 8.22 -3.03
N MET D 351 18.50 8.43 -4.17
CA MET D 351 19.84 7.93 -4.45
C MET D 351 20.64 9.07 -5.05
N VAL D 352 21.88 9.23 -4.60
CA VAL D 352 22.75 10.31 -5.07
C VAL D 352 23.84 9.73 -5.97
N TYR D 353 23.96 10.28 -7.17
CA TYR D 353 24.69 9.62 -8.23
C TYR D 353 26.15 9.44 -7.85
N ARG D 354 26.67 8.25 -8.13
CA ARG D 354 28.05 7.91 -7.84
C ARG D 354 28.71 7.36 -9.09
N HIS D 355 30.02 7.57 -9.18
CA HIS D 355 30.82 7.07 -10.31
C HIS D 355 32.15 6.61 -9.75
N GLY D 356 32.31 5.29 -9.67
CA GLY D 356 33.20 4.69 -8.69
C GLY D 356 32.59 4.76 -7.29
N LYS D 357 33.47 4.59 -6.30
CA LYS D 357 32.99 4.60 -4.91
C LYS D 357 32.62 6.00 -4.44
N ASN D 358 33.30 7.03 -4.92
CA ASN D 358 32.99 8.39 -4.52
C ASN D 358 31.67 8.87 -5.11
N HIS D 359 31.03 9.79 -4.41
CA HIS D 359 29.92 10.53 -5.02
C HIS D 359 30.42 11.47 -6.09
N LYS D 360 29.65 11.60 -7.16
CA LYS D 360 30.01 12.50 -8.24
C LYS D 360 29.77 13.95 -7.84
N VAL D 361 30.73 14.81 -8.16
CA VAL D 361 30.50 16.24 -8.30
C VAL D 361 30.76 16.62 -9.74
N PHE D 362 29.75 17.17 -10.41
CA PHE D 362 29.88 17.61 -11.79
C PHE D 362 30.61 18.94 -11.86
N GLN D 363 31.22 19.21 -13.02
CA GLN D 363 31.89 20.47 -13.27
C GLN D 363 31.00 21.32 -14.16
N ALA D 364 30.83 22.60 -13.81
CA ALA D 364 29.79 23.42 -14.40
C ALA D 364 30.30 24.75 -14.94
N ASN D 365 29.36 25.63 -15.30
CA ASN D 365 29.64 26.78 -16.16
C ASN D 365 30.82 27.59 -15.65
N ASN D 366 31.69 27.99 -16.58
CA ASN D 366 32.79 28.88 -16.24
C ASN D 366 32.34 30.32 -16.06
N ASP D 367 31.35 30.76 -16.84
CA ASP D 367 30.60 31.99 -16.58
C ASP D 367 29.25 31.89 -17.27
N ALA D 368 28.38 32.84 -16.96
CA ALA D 368 26.97 32.84 -17.38
C ALA D 368 26.76 33.08 -18.89
N THR D 369 27.80 33.08 -19.74
CA THR D 369 27.60 33.47 -21.14
C THR D 369 27.15 32.31 -22.03
N GLU D 370 27.49 31.06 -21.70
CA GLU D 370 27.33 29.99 -22.67
C GLU D 370 26.87 28.69 -22.02
N VAL D 371 26.26 27.85 -22.86
CA VAL D 371 25.78 26.54 -22.46
C VAL D 371 26.94 25.58 -22.22
N VAL D 372 26.80 24.75 -21.18
CA VAL D 372 27.61 23.54 -21.02
C VAL D 372 26.63 22.37 -20.96
N LEU D 373 27.05 21.21 -21.48
CA LEU D 373 26.25 20.00 -21.26
C LEU D 373 27.14 18.84 -20.88
N ASN D 374 26.66 17.99 -19.98
CA ASN D 374 27.40 16.85 -19.47
C ASN D 374 26.56 15.59 -19.61
N LYS D 375 27.16 14.52 -20.11
CA LYS D 375 26.40 13.35 -20.53
C LYS D 375 26.69 12.17 -19.61
N LEU D 376 25.62 11.48 -19.20
CA LEU D 376 25.74 10.34 -18.31
C LEU D 376 26.25 9.12 -19.10
N HIS D 377 27.23 8.42 -18.52
CA HIS D 377 27.84 7.29 -19.22
C HIS D 377 26.88 6.13 -19.43
N ALA D 378 25.82 6.04 -18.64
CA ALA D 378 24.75 5.09 -18.93
C ALA D 378 23.44 5.68 -18.44
N PRO D 379 22.33 5.39 -19.12
CA PRO D 379 21.08 6.10 -18.81
C PRO D 379 20.54 5.72 -17.44
N LEU D 380 20.08 6.74 -16.71
CA LEU D 380 19.33 6.49 -15.48
C LEU D 380 17.85 6.43 -15.76
N LEU D 381 17.13 5.57 -15.04
CA LEU D 381 15.68 5.58 -15.07
C LEU D 381 15.15 6.25 -13.82
N THR D 382 14.21 7.17 -13.97
CA THR D 382 13.88 8.11 -12.91
C THR D 382 12.40 8.51 -13.05
N ARG D 383 11.87 9.08 -11.97
CA ARG D 383 10.67 9.91 -12.04
C ARG D 383 10.95 11.33 -11.59
N PHE D 384 11.45 11.52 -10.37
CA PHE D 384 11.80 12.84 -9.85
C PHE D 384 13.28 13.07 -10.04
N VAL D 385 13.64 14.28 -10.49
CA VAL D 385 15.03 14.69 -10.62
C VAL D 385 15.24 15.98 -9.83
N ARG D 386 16.33 16.04 -9.07
CA ARG D 386 16.64 17.16 -8.21
C ARG D 386 18.10 17.56 -8.38
N ILE D 387 18.34 18.85 -8.56
CA ILE D 387 19.68 19.39 -8.72
C ILE D 387 20.04 20.16 -7.45
N ARG D 388 21.19 19.81 -6.86
CA ARG D 388 21.70 20.52 -5.69
C ARG D 388 23.06 21.12 -6.01
N PRO D 389 23.23 22.43 -5.91
CA PRO D 389 24.54 23.04 -6.14
C PRO D 389 25.54 22.60 -5.08
N GLN D 390 26.81 22.82 -5.39
CA GLN D 390 27.81 22.51 -4.38
C GLN D 390 28.82 23.64 -4.17
N THR D 391 29.29 24.26 -5.25
CA THR D 391 30.22 25.37 -5.17
C THR D 391 29.77 26.46 -6.13
N TRP D 392 29.66 27.68 -5.63
CA TRP D 392 29.24 28.82 -6.44
C TRP D 392 30.32 29.89 -6.39
N HIS D 393 30.78 30.32 -7.57
CA HIS D 393 31.86 31.31 -7.64
C HIS D 393 31.45 32.63 -7.02
N SER D 394 30.25 33.12 -7.33
CA SER D 394 29.75 34.36 -6.77
C SER D 394 28.23 34.30 -6.81
N GLY D 395 27.64 33.50 -5.93
CA GLY D 395 26.22 33.28 -5.89
C GLY D 395 25.80 32.09 -6.74
N ILE D 396 24.59 31.61 -6.50
CA ILE D 396 24.05 30.45 -7.21
C ILE D 396 23.10 30.88 -8.32
N ALA D 397 23.38 30.41 -9.53
CA ALA D 397 22.54 30.64 -10.70
C ALA D 397 22.36 29.32 -11.43
N LEU D 398 21.11 28.94 -11.70
CA LEU D 398 20.84 27.72 -12.46
C LEU D 398 19.87 28.03 -13.59
N ARG D 399 20.30 27.74 -14.82
CA ARG D 399 19.46 27.39 -15.95
C ARG D 399 19.88 26.01 -16.44
N LEU D 400 18.91 25.22 -16.89
CA LEU D 400 19.01 23.77 -16.84
C LEU D 400 18.34 23.19 -18.07
N GLU D 401 18.83 22.05 -18.55
CA GLU D 401 18.09 21.25 -19.52
C GLU D 401 18.27 19.77 -19.26
N LEU D 402 17.20 19.01 -19.52
CA LEU D 402 17.13 17.57 -19.27
C LEU D 402 16.98 16.83 -20.60
N PHE D 403 17.97 16.02 -20.93
CA PHE D 403 17.98 15.20 -22.15
C PHE D 403 17.71 13.75 -21.82
N GLY D 404 16.91 13.08 -22.65
CA GLY D 404 16.56 11.71 -22.35
C GLY D 404 15.76 10.93 -23.39
N CYS D 405 14.92 10.01 -22.90
CA CYS D 405 14.22 9.06 -23.76
C CYS D 405 13.07 8.46 -22.97
N ARG D 406 12.16 7.80 -23.70
CA ARG D 406 11.22 6.87 -23.12
C ARG D 406 11.74 5.44 -23.17
N VAL D 407 11.37 4.66 -22.16
CA VAL D 407 11.65 3.22 -22.17
C VAL D 407 10.86 2.52 -23.27
N THR D 408 9.71 3.07 -23.66
CA THR D 408 8.89 2.49 -24.70
C THR D 408 9.50 2.58 -26.09
N ASP D 409 10.66 3.19 -26.25
CA ASP D 409 11.19 3.48 -27.58
C ASP D 409 12.40 2.63 -27.93
N ALA D 410 12.66 1.58 -27.17
CA ALA D 410 13.38 0.44 -27.68
C ALA D 410 12.52 -0.24 -28.74
N PRO D 411 13.06 -1.22 -29.50
CA PRO D 411 12.37 -1.62 -30.74
C PRO D 411 10.89 -1.98 -30.58
N CYS D 412 10.54 -2.78 -29.57
CA CYS D 412 9.14 -3.17 -29.43
C CYS D 412 8.75 -3.46 -27.98
N SER D 413 9.61 -3.20 -27.00
CA SER D 413 9.29 -3.48 -25.61
C SER D 413 8.18 -2.55 -25.12
N ASN D 414 7.09 -3.13 -24.63
CA ASN D 414 6.11 -2.45 -23.81
C ASN D 414 6.01 -3.16 -22.48
N MET D 415 5.70 -2.41 -21.43
CA MET D 415 5.46 -3.05 -20.13
C MET D 415 4.13 -3.78 -20.16
N LEU D 416 4.16 -5.07 -19.84
CA LEU D 416 2.96 -5.90 -19.92
C LEU D 416 1.97 -5.60 -18.80
N GLY D 417 2.43 -5.05 -17.69
CA GLY D 417 1.52 -4.42 -16.76
C GLY D 417 1.63 -4.81 -15.29
N MET D 418 2.83 -5.16 -14.84
CA MET D 418 3.05 -5.22 -13.39
C MET D 418 2.88 -3.84 -12.79
N LEU D 419 3.31 -2.81 -13.51
CA LEU D 419 3.22 -1.45 -13.03
C LEU D 419 1.81 -0.91 -13.19
N SER D 420 1.22 -1.11 -14.37
CA SER D 420 -0.07 -0.52 -14.66
C SER D 420 -1.23 -1.27 -14.01
N GLY D 421 -0.99 -2.46 -13.48
CA GLY D 421 -2.06 -3.23 -12.85
C GLY D 421 -2.76 -4.23 -13.76
N LEU D 422 -2.40 -4.28 -15.04
CA LEU D 422 -3.08 -5.19 -15.97
C LEU D 422 -2.73 -6.65 -15.73
N ILE D 423 -1.59 -6.95 -15.10
CA ILE D 423 -1.38 -8.26 -14.51
C ILE D 423 -2.14 -8.30 -13.19
N ALA D 424 -3.27 -9.01 -13.17
CA ALA D 424 -4.12 -9.06 -12.00
C ALA D 424 -3.41 -9.76 -10.84
N ASP D 425 -3.94 -9.54 -9.64
CA ASP D 425 -3.29 -10.03 -8.42
C ASP D 425 -3.20 -11.54 -8.34
N SER D 426 -4.06 -12.27 -9.05
CA SER D 426 -3.99 -13.73 -9.05
C SER D 426 -2.84 -14.30 -9.88
N GLN D 427 -2.16 -13.48 -10.66
CA GLN D 427 -1.18 -13.97 -11.62
C GLN D 427 0.26 -13.96 -11.07
N ILE D 428 0.46 -13.52 -9.84
CA ILE D 428 1.79 -13.40 -9.25
C ILE D 428 1.90 -14.40 -8.12
N SER D 429 3.02 -15.11 -8.06
CA SER D 429 3.20 -16.11 -7.01
C SER D 429 4.67 -16.21 -6.64
N ALA D 430 4.95 -16.80 -5.49
CA ALA D 430 6.33 -16.89 -5.05
C ALA D 430 6.55 -18.16 -4.25
N SER D 431 7.82 -18.56 -4.14
CA SER D 431 8.17 -19.82 -3.49
C SER D 431 7.93 -19.77 -1.98
N SER D 432 8.19 -18.63 -1.36
CA SER D 432 7.98 -18.48 0.08
C SER D 432 7.85 -17.00 0.40
N THR D 433 7.38 -16.72 1.62
CA THR D 433 6.96 -15.38 2.00
C THR D 433 7.32 -15.15 3.46
N GLN D 434 7.48 -13.87 3.82
CA GLN D 434 7.93 -13.51 5.16
C GLN D 434 6.86 -13.77 6.22
N GLU D 435 5.61 -13.97 5.81
CA GLU D 435 4.54 -14.41 6.70
C GLU D 435 3.52 -15.16 5.86
N TYR D 436 2.56 -15.78 6.54
CA TYR D 436 1.54 -16.54 5.85
C TYR D 436 0.63 -15.63 5.01
N LEU D 437 0.27 -14.46 5.54
CA LEU D 437 -0.63 -13.52 4.88
C LEU D 437 0.18 -12.58 3.98
N TRP D 438 0.75 -13.18 2.93
CA TRP D 438 1.36 -12.39 1.86
C TRP D 438 0.31 -11.61 1.08
N SER D 439 0.76 -10.52 0.46
CA SER D 439 -0.05 -9.74 -0.47
C SER D 439 0.74 -9.50 -1.75
N PRO D 440 0.30 -10.04 -2.89
CA PRO D 440 1.15 -10.02 -4.10
C PRO D 440 1.42 -8.64 -4.68
N SER D 441 0.62 -7.63 -4.31
CA SER D 441 0.86 -6.26 -4.78
C SER D 441 2.25 -5.75 -4.45
N ALA D 442 2.93 -6.36 -3.48
CA ALA D 442 4.28 -5.93 -3.13
C ALA D 442 5.25 -6.08 -4.30
N ALA D 443 5.00 -7.04 -5.19
CA ALA D 443 5.89 -7.28 -6.32
C ALA D 443 6.03 -6.09 -7.29
N ARG D 444 4.98 -5.29 -7.48
CA ARG D 444 5.05 -4.22 -8.49
C ARG D 444 6.21 -3.24 -8.26
N LEU D 445 6.80 -2.82 -9.38
CA LEU D 445 8.01 -2.00 -9.40
C LEU D 445 7.88 -0.60 -8.78
N VAL D 446 6.82 0.14 -9.05
CA VAL D 446 6.76 1.47 -8.45
C VAL D 446 5.48 1.73 -7.66
N SER D 447 4.55 0.80 -7.73
CA SER D 447 3.27 0.98 -7.05
C SER D 447 3.19 0.24 -5.73
N SER D 448 4.29 -0.34 -5.27
CA SER D 448 4.32 -1.09 -4.02
C SER D 448 5.20 -0.35 -3.03
N ARG D 449 4.62 -0.06 -1.85
CA ARG D 449 5.37 0.62 -0.80
C ARG D 449 6.52 -0.23 -0.28
N SER D 450 6.29 -1.54 -0.12
CA SER D 450 7.31 -2.46 0.36
C SER D 450 7.35 -3.68 -0.54
N GLY D 451 8.54 -4.26 -0.67
CA GLY D 451 8.77 -5.33 -1.62
C GLY D 451 8.55 -6.71 -1.03
N TRP D 452 8.85 -7.70 -1.85
CA TRP D 452 8.80 -9.10 -1.42
C TRP D 452 10.06 -9.49 -0.66
N PHE D 453 9.88 -10.35 0.34
CA PHE D 453 10.95 -11.05 1.01
C PHE D 453 10.58 -12.52 1.16
N PRO D 454 11.52 -13.44 0.95
CA PRO D 454 11.25 -14.85 1.26
C PRO D 454 11.11 -15.06 2.76
N ARG D 455 10.68 -16.28 3.11
CA ARG D 455 10.38 -16.59 4.51
C ARG D 455 11.62 -16.43 5.38
N ILE D 456 12.78 -16.86 4.86
CA ILE D 456 14.06 -16.70 5.53
C ILE D 456 14.94 -15.80 4.67
N PRO D 457 15.41 -14.67 5.19
CA PRO D 457 16.22 -13.75 4.37
C PRO D 457 17.51 -14.35 3.85
N GLN D 458 18.05 -15.36 4.53
CA GLN D 458 19.31 -15.98 4.12
C GLN D 458 19.08 -17.37 3.54
N ALA D 459 18.15 -17.49 2.59
CA ALA D 459 17.80 -18.77 2.00
C ALA D 459 19.00 -19.39 1.27
N GLN D 460 18.82 -20.65 0.88
CA GLN D 460 19.82 -21.37 0.11
C GLN D 460 20.02 -20.71 -1.26
N PRO D 461 21.26 -20.48 -1.68
CA PRO D 461 21.51 -19.77 -2.95
C PRO D 461 20.82 -20.41 -4.14
N GLY D 462 19.90 -19.67 -4.75
CA GLY D 462 19.15 -20.12 -5.89
C GLY D 462 17.97 -21.01 -5.61
N GLU D 463 17.52 -21.10 -4.36
CA GLU D 463 16.37 -21.93 -4.03
C GLU D 463 15.05 -21.20 -4.22
N GLU D 464 15.02 -19.89 -3.94
CA GLU D 464 13.79 -19.12 -3.98
C GLU D 464 13.57 -18.54 -5.38
N TRP D 465 12.30 -18.31 -5.71
CA TRP D 465 11.92 -17.78 -7.00
C TRP D 465 10.62 -17.01 -6.91
N LEU D 466 10.41 -16.11 -7.86
CA LEU D 466 9.15 -15.40 -8.00
C LEU D 466 8.64 -15.55 -9.43
N GLN D 467 7.34 -15.75 -9.57
CA GLN D 467 6.75 -16.10 -10.86
C GLN D 467 5.65 -15.10 -11.21
N VAL D 468 5.52 -14.87 -12.52
CA VAL D 468 4.35 -14.23 -13.12
C VAL D 468 3.82 -15.11 -14.23
N ASP D 469 2.50 -15.16 -14.35
CA ASP D 469 1.81 -15.68 -15.53
C ASP D 469 1.30 -14.50 -16.35
N LEU D 470 1.81 -14.36 -17.57
CA LEU D 470 1.45 -13.25 -18.44
C LEU D 470 0.06 -13.38 -19.07
N GLY D 471 -0.68 -14.44 -18.77
CA GLY D 471 -2.08 -14.54 -19.18
C GLY D 471 -2.30 -14.82 -20.64
N THR D 472 -1.26 -14.75 -21.47
CA THR D 472 -1.32 -15.06 -22.89
C THR D 472 0.10 -15.38 -23.34
N PRO D 473 0.28 -16.12 -24.44
CA PRO D 473 1.63 -16.23 -25.00
C PRO D 473 2.14 -14.87 -25.45
N LYS D 474 3.36 -14.55 -25.06
CA LYS D 474 3.94 -13.24 -25.33
C LYS D 474 5.41 -13.40 -25.68
N THR D 475 5.93 -12.47 -26.48
CA THR D 475 7.37 -12.33 -26.58
C THR D 475 7.85 -11.62 -25.32
N VAL D 476 8.84 -12.18 -24.67
CA VAL D 476 9.58 -11.49 -23.63
C VAL D 476 10.92 -11.05 -24.19
N LYS D 477 11.30 -9.81 -23.90
CA LYS D 477 12.52 -9.20 -24.37
C LYS D 477 13.47 -8.85 -23.23
N GLY D 478 12.95 -8.56 -22.05
CA GLY D 478 13.78 -8.14 -20.93
C GLY D 478 12.94 -8.00 -19.67
N VAL D 479 13.61 -7.54 -18.61
CA VAL D 479 12.94 -7.22 -17.35
C VAL D 479 13.61 -6.02 -16.69
N ILE D 480 12.85 -5.38 -15.79
CA ILE D 480 13.36 -4.33 -14.92
C ILE D 480 13.34 -4.84 -13.49
N ILE D 481 14.46 -4.67 -12.79
CA ILE D 481 14.66 -5.22 -11.46
C ILE D 481 15.01 -4.09 -10.50
N GLN D 482 14.56 -4.24 -9.25
CA GLN D 482 14.66 -3.19 -8.26
C GLN D 482 14.80 -3.82 -6.88
N GLY D 483 15.45 -3.11 -5.97
CA GLY D 483 15.54 -3.56 -4.60
C GLY D 483 14.21 -3.43 -3.89
N ALA D 484 14.20 -3.84 -2.62
CA ALA D 484 13.01 -3.77 -1.80
C ALA D 484 13.26 -2.94 -0.55
N ARG D 485 12.24 -2.20 -0.14
CA ARG D 485 12.27 -1.42 1.09
C ARG D 485 11.06 -1.76 1.95
N ALA D 495 14.17 -3.40 6.99
CA ALA D 495 15.39 -3.68 6.23
C ALA D 495 15.40 -2.91 4.92
N ARG D 496 16.60 -2.76 4.34
CA ARG D 496 16.75 -2.21 3.00
C ARG D 496 17.76 -3.06 2.24
N ALA D 497 17.28 -3.80 1.26
CA ALA D 497 18.02 -4.90 0.66
C ALA D 497 17.72 -4.96 -0.83
N PHE D 498 18.58 -5.63 -1.58
CA PHE D 498 18.43 -5.72 -3.02
C PHE D 498 19.08 -7.00 -3.53
N VAL D 499 18.60 -7.45 -4.68
CA VAL D 499 19.12 -8.64 -5.35
C VAL D 499 20.24 -8.25 -6.30
N ARG D 500 21.36 -8.95 -6.21
CA ARG D 500 22.57 -8.59 -6.93
C ARG D 500 22.80 -9.40 -8.20
N LYS D 501 22.61 -10.72 -8.15
CA LYS D 501 22.62 -11.55 -9.35
C LYS D 501 21.42 -12.49 -9.37
N PHE D 502 20.91 -12.75 -10.56
CA PHE D 502 19.68 -13.50 -10.73
C PHE D 502 19.65 -14.13 -12.12
N LYS D 503 18.72 -15.06 -12.31
CA LYS D 503 18.51 -15.70 -13.61
C LYS D 503 17.01 -15.78 -13.88
N VAL D 504 16.68 -16.04 -15.14
CA VAL D 504 15.31 -16.01 -15.63
C VAL D 504 15.02 -17.33 -16.31
N SER D 505 13.80 -17.84 -16.16
CA SER D 505 13.43 -19.10 -16.77
C SER D 505 11.95 -19.04 -17.12
N TYR D 506 11.57 -19.82 -18.14
CA TYR D 506 10.28 -19.58 -18.78
C TYR D 506 9.72 -20.88 -19.32
N SER D 507 8.40 -20.87 -19.53
CA SER D 507 7.76 -21.94 -20.28
C SER D 507 6.45 -21.45 -20.87
N LEU D 508 6.04 -22.08 -21.97
CA LEU D 508 4.71 -21.87 -22.53
C LEU D 508 3.63 -22.57 -21.72
N ASN D 509 3.98 -23.47 -20.82
CA ASN D 509 2.97 -24.25 -20.11
C ASN D 509 3.52 -24.68 -18.77
N GLY D 510 2.61 -25.13 -17.92
CA GLY D 510 2.96 -25.61 -16.60
C GLY D 510 3.79 -26.88 -16.63
N LYS D 511 4.36 -27.17 -15.46
CA LYS D 511 5.24 -28.32 -15.22
C LYS D 511 6.42 -28.38 -16.19
N ASP D 512 6.74 -27.27 -16.85
CA ASP D 512 7.91 -27.19 -17.72
C ASP D 512 8.69 -25.92 -17.40
N TRP D 513 10.01 -26.01 -17.53
CA TRP D 513 10.88 -24.87 -17.23
C TRP D 513 12.07 -24.96 -18.18
N GLU D 514 12.16 -24.02 -19.11
CA GLU D 514 13.34 -23.84 -19.92
C GLU D 514 14.23 -22.76 -19.32
N TYR D 515 15.52 -22.88 -19.56
CA TYR D 515 16.52 -21.97 -19.03
C TYR D 515 17.02 -21.06 -20.15
N ILE D 516 17.11 -19.77 -19.84
CA ILE D 516 17.60 -18.77 -20.78
C ILE D 516 19.11 -18.76 -20.67
N GLN D 517 19.75 -19.77 -21.23
CA GLN D 517 21.19 -19.91 -21.18
C GLN D 517 21.86 -18.80 -21.98
N ASP D 518 23.08 -18.44 -21.55
CA ASP D 518 23.82 -17.44 -22.27
C ASP D 518 24.33 -18.06 -23.57
N PRO D 519 24.70 -17.23 -24.54
CA PRO D 519 25.05 -17.81 -25.85
C PRO D 519 26.15 -18.85 -25.77
N ARG D 520 27.17 -18.63 -24.95
CA ARG D 520 28.20 -19.64 -24.86
C ARG D 520 27.70 -20.91 -24.16
N THR D 521 28.23 -22.04 -24.60
CA THR D 521 27.87 -23.36 -24.10
C THR D 521 28.22 -23.58 -22.64
N GLN D 522 29.20 -22.84 -22.11
CA GLN D 522 29.69 -23.10 -20.76
C GLN D 522 28.64 -23.02 -19.66
N GLN D 523 27.77 -22.00 -19.64
CA GLN D 523 26.87 -21.98 -18.50
C GLN D 523 25.61 -21.16 -18.82
N PRO D 524 24.55 -21.33 -18.02
CA PRO D 524 23.33 -20.54 -18.19
C PRO D 524 23.55 -19.06 -17.87
N LYS D 525 22.85 -18.21 -18.59
CA LYS D 525 23.01 -16.76 -18.43
C LYS D 525 22.62 -16.28 -17.05
N LEU D 526 23.47 -15.40 -16.51
CA LEU D 526 23.30 -14.76 -15.21
C LEU D 526 23.28 -13.26 -15.46
N PHE D 527 22.33 -12.55 -14.87
CA PHE D 527 22.16 -11.13 -15.10
C PHE D 527 22.54 -10.32 -13.87
N GLU D 528 23.36 -9.29 -14.08
CA GLU D 528 23.71 -8.36 -13.03
C GLU D 528 22.50 -7.50 -12.67
N GLY D 529 22.10 -7.51 -11.40
CA GLY D 529 20.97 -6.71 -10.98
C GLY D 529 21.27 -5.29 -10.52
N ASN D 530 20.56 -4.86 -9.48
CA ASN D 530 20.69 -3.51 -8.97
C ASN D 530 22.00 -3.30 -8.22
N MET D 531 22.25 -2.04 -7.84
CA MET D 531 23.25 -1.70 -6.84
C MET D 531 22.67 -0.82 -5.73
N HIS D 532 21.36 -0.61 -5.72
CA HIS D 532 20.72 0.28 -4.76
C HIS D 532 19.27 -0.12 -4.64
N TYR D 533 18.66 0.24 -3.51
CA TYR D 533 17.32 -0.25 -3.20
C TYR D 533 16.23 0.46 -3.97
N ASP D 534 16.47 1.66 -4.49
CA ASP D 534 15.44 2.37 -5.24
C ASP D 534 15.63 2.31 -6.75
N THR D 535 16.80 2.70 -7.25
CA THR D 535 16.97 2.95 -8.68
C THR D 535 16.84 1.68 -9.50
N PRO D 536 15.82 1.57 -10.35
CA PRO D 536 15.63 0.36 -11.15
C PRO D 536 16.79 0.12 -12.10
N ASP D 537 16.89 -1.11 -12.58
CA ASP D 537 17.82 -1.41 -13.66
C ASP D 537 17.17 -2.33 -14.69
N ILE D 538 17.51 -2.10 -15.96
CA ILE D 538 16.86 -2.74 -17.08
C ILE D 538 17.84 -3.74 -17.70
N ARG D 539 17.35 -4.94 -18.01
CA ARG D 539 18.18 -5.95 -18.62
C ARG D 539 17.45 -6.59 -19.78
N ARG D 540 18.20 -6.88 -20.84
CA ARG D 540 17.65 -7.26 -22.13
C ARG D 540 18.34 -8.52 -22.62
N PHE D 541 17.59 -9.31 -23.39
CA PHE D 541 18.08 -10.58 -23.90
C PHE D 541 17.41 -10.85 -25.24
N ASP D 542 17.88 -11.89 -25.92
CA ASP D 542 17.30 -12.33 -27.17
C ASP D 542 15.79 -12.52 -27.06
N PRO D 543 15.05 -12.52 -28.16
CA PRO D 543 13.61 -12.77 -28.08
C PRO D 543 13.30 -14.14 -27.52
N ILE D 544 12.39 -14.19 -26.56
CA ILE D 544 12.03 -15.45 -25.92
C ILE D 544 10.51 -15.53 -25.83
N PRO D 545 9.84 -16.36 -26.63
CA PRO D 545 8.41 -16.56 -26.42
C PRO D 545 8.15 -17.39 -25.17
N ALA D 546 7.17 -16.94 -24.38
CA ALA D 546 6.86 -17.61 -23.12
C ALA D 546 5.45 -17.23 -22.71
N GLN D 547 4.99 -17.83 -21.61
CA GLN D 547 3.86 -17.30 -20.85
C GLN D 547 4.07 -17.34 -19.33
N TYR D 548 4.76 -18.34 -18.79
CA TYR D 548 5.19 -18.36 -17.39
C TYR D 548 6.63 -17.90 -17.32
N VAL D 549 6.91 -16.96 -16.42
CA VAL D 549 8.27 -16.48 -16.19
C VAL D 549 8.58 -16.55 -14.70
N ARG D 550 9.73 -17.10 -14.35
CA ARG D 550 10.25 -17.08 -12.99
C ARG D 550 11.61 -16.39 -12.96
N VAL D 551 11.85 -15.66 -11.88
CA VAL D 551 13.15 -15.07 -11.55
C VAL D 551 13.72 -15.75 -10.31
N TYR D 552 14.95 -16.23 -10.43
CA TYR D 552 15.65 -16.95 -9.36
C TYR D 552 16.87 -16.14 -8.91
N PRO D 553 16.86 -15.57 -7.72
CA PRO D 553 18.05 -14.92 -7.18
C PRO D 553 19.21 -15.88 -6.96
N GLU D 554 20.43 -15.32 -6.98
CA GLU D 554 21.65 -16.07 -6.67
C GLU D 554 22.66 -15.29 -5.85
N ARG D 555 22.54 -13.98 -5.74
CA ARG D 555 23.38 -13.19 -4.84
C ARG D 555 22.60 -11.97 -4.38
N TRP D 556 22.80 -11.58 -3.14
CA TRP D 556 21.99 -10.53 -2.57
C TRP D 556 22.80 -9.70 -1.58
N SER D 557 22.29 -8.51 -1.30
CA SER D 557 22.79 -7.69 -0.22
C SER D 557 22.72 -8.47 1.10
N PRO D 558 23.66 -8.22 2.01
CA PRO D 558 23.71 -9.02 3.26
C PRO D 558 22.42 -8.96 4.07
N ALA D 559 21.59 -7.93 3.90
CA ALA D 559 20.27 -7.88 4.52
C ALA D 559 19.26 -8.85 3.88
N GLY D 560 19.68 -9.70 2.96
CA GLY D 560 18.85 -10.78 2.45
C GLY D 560 18.36 -10.54 1.03
N ILE D 561 17.66 -11.55 0.52
CA ILE D 561 16.91 -11.41 -0.73
C ILE D 561 15.69 -10.53 -0.50
N GLY D 562 15.48 -9.58 -1.41
CA GLY D 562 14.25 -8.81 -1.47
C GLY D 562 14.18 -8.02 -2.76
N MET D 563 13.00 -7.93 -3.37
CA MET D 563 12.95 -7.60 -4.78
C MET D 563 11.60 -7.02 -5.14
N ARG D 564 11.58 -6.29 -6.24
CA ARG D 564 10.37 -5.86 -6.94
C ARG D 564 10.65 -5.97 -8.42
N LEU D 565 9.62 -6.25 -9.22
CA LEU D 565 9.91 -6.70 -10.57
C LEU D 565 8.85 -6.26 -11.57
N GLU D 566 9.28 -6.11 -12.82
CA GLU D 566 8.44 -5.87 -13.99
C GLU D 566 9.11 -6.52 -15.19
N VAL D 567 8.29 -6.88 -16.18
CA VAL D 567 8.74 -7.67 -17.31
C VAL D 567 8.41 -6.93 -18.61
N LEU D 568 9.39 -6.86 -19.51
CA LEU D 568 9.24 -6.18 -20.78
C LEU D 568 8.87 -7.20 -21.84
N GLY D 569 7.67 -7.06 -22.40
CA GLY D 569 7.19 -7.95 -23.42
C GLY D 569 6.77 -7.21 -24.67
N CYS D 570 6.39 -7.99 -25.67
CA CYS D 570 6.24 -7.51 -27.03
C CYS D 570 5.43 -8.54 -27.80
N ASP D 571 4.90 -8.09 -28.94
CA ASP D 571 4.21 -8.93 -29.93
C ASP D 571 4.51 -8.40 -31.32
C1 NAG E . -16.71 -11.59 24.51
C2 NAG E . -17.96 -11.75 25.34
C3 NAG E . -18.34 -10.43 25.98
C4 NAG E . -17.18 -9.88 26.79
C5 NAG E . -15.94 -9.77 25.90
C6 NAG E . -14.70 -9.34 26.65
C7 NAG E . -19.30 -13.56 24.37
C8 NAG E . -20.47 -13.91 23.52
N2 NAG E . -19.06 -12.26 24.53
O3 NAG E . -19.46 -10.62 26.84
O4 NAG E . -17.50 -8.59 27.30
O5 NAG E . -15.66 -11.04 25.32
O6 NAG E . -13.66 -10.30 26.49
O7 NAG E . -18.61 -14.42 24.90
CA CA F . -17.99 19.22 -2.21
C1 NAG G . -8.17 14.11 -33.53
C2 NAG G . -8.40 14.42 -35.00
C3 NAG G . -7.07 14.76 -35.66
C4 NAG G . -6.39 15.91 -34.91
C5 NAG G . -6.28 15.58 -33.43
C6 NAG G . -5.77 16.75 -32.60
C7 NAG G . -10.37 13.24 -35.82
C8 NAG G . -10.88 12.04 -36.55
N2 NAG G . -9.04 13.33 -35.68
O3 NAG G . -7.31 15.14 -37.01
O4 NAG G . -5.08 16.12 -35.44
O5 NAG G . -7.56 15.23 -32.89
O6 NAG G . -4.53 17.23 -33.09
O7 NAG G . -11.13 14.09 -35.37
#